data_6S6M
# 
_entry.id   6S6M 
# 
_audit_conform.dict_name       mmcif_pdbx.dic 
_audit_conform.dict_version    5.392 
_audit_conform.dict_location   http://mmcif.pdb.org/dictionaries/ascii/mmcif_pdbx.dic 
# 
loop_
_database_2.database_id 
_database_2.database_code 
_database_2.pdbx_database_accession 
_database_2.pdbx_DOI 
PDB   6S6M         pdb_00006s6m 10.2210/pdb6s6m/pdb 
WWPDB D_1292103173 ?            ?                   
# 
loop_
_pdbx_audit_revision_history.ordinal 
_pdbx_audit_revision_history.data_content_type 
_pdbx_audit_revision_history.major_revision 
_pdbx_audit_revision_history.minor_revision 
_pdbx_audit_revision_history.revision_date 
1 'Structure model' 1 0 2020-08-19 
2 'Structure model' 1 1 2024-05-15 
# 
_pdbx_audit_revision_details.ordinal             1 
_pdbx_audit_revision_details.revision_ordinal    1 
_pdbx_audit_revision_details.data_content_type   'Structure model' 
_pdbx_audit_revision_details.provider            repository 
_pdbx_audit_revision_details.type                'Initial release' 
_pdbx_audit_revision_details.description         ? 
_pdbx_audit_revision_details.details             ? 
# 
loop_
_pdbx_audit_revision_group.ordinal 
_pdbx_audit_revision_group.revision_ordinal 
_pdbx_audit_revision_group.data_content_type 
_pdbx_audit_revision_group.group 
1 2 'Structure model' 'Data collection'     
2 2 'Structure model' 'Database references' 
# 
loop_
_pdbx_audit_revision_category.ordinal 
_pdbx_audit_revision_category.revision_ordinal 
_pdbx_audit_revision_category.data_content_type 
_pdbx_audit_revision_category.category 
1 2 'Structure model' chem_comp_atom 
2 2 'Structure model' chem_comp_bond 
3 2 'Structure model' database_2     
# 
loop_
_pdbx_audit_revision_item.ordinal 
_pdbx_audit_revision_item.revision_ordinal 
_pdbx_audit_revision_item.data_content_type 
_pdbx_audit_revision_item.item 
1 2 'Structure model' '_database_2.pdbx_DOI'                
2 2 'Structure model' '_database_2.pdbx_database_accession' 
# 
_pdbx_database_status.status_code                     REL 
_pdbx_database_status.status_code_sf                  REL 
_pdbx_database_status.status_code_mr                  ? 
_pdbx_database_status.entry_id                        6S6M 
_pdbx_database_status.recvd_initial_deposition_date   2019-07-03 
_pdbx_database_status.SG_entry                        N 
_pdbx_database_status.deposit_site                    PDBE 
_pdbx_database_status.process_site                    PDBE 
_pdbx_database_status.status_code_cs                  ? 
_pdbx_database_status.methods_development_category    ? 
_pdbx_database_status.pdb_format_compatible           Y 
_pdbx_database_status.status_code_nmr_data            ? 
# 
loop_
_audit_author.name 
_audit_author.pdbx_ordinal 
_audit_author.identifier_ORCID 
'Landau, M.'    1 ? 
'Engelberg, Y.' 2 ? 
# 
_citation.abstract                  ? 
_citation.abstract_id_CAS           ? 
_citation.book_id_ISBN              ? 
_citation.book_publisher            ? 
_citation.book_publisher_city       ? 
_citation.book_title                ? 
_citation.coordinate_linkage        ? 
_citation.country                   UK 
_citation.database_id_Medline       ? 
_citation.details                   ? 
_citation.id                        primary 
_citation.journal_abbrev            'Nat Commun' 
_citation.journal_id_ASTM           ? 
_citation.journal_id_CSD            ? 
_citation.journal_id_ISSN           2041-1723 
_citation.journal_full              ? 
_citation.journal_issue             ? 
_citation.journal_volume            11 
_citation.language                  ? 
_citation.page_first                3894 
_citation.page_last                 3894 
_citation.title                     'The Human LL-37(17-29) antimicrobial peptide reveals a functional supramolecular structure.' 
_citation.year                      2020 
_citation.database_id_CSD           ? 
_citation.pdbx_database_id_DOI      10.1038/s41467-020-17736-x 
_citation.pdbx_database_id_PubMed   32753597 
_citation.unpublished_flag          ? 
# 
loop_
_citation_author.citation_id 
_citation_author.name 
_citation_author.ordinal 
_citation_author.identifier_ORCID 
primary 'Engelberg, Y.' 1 ?                   
primary 'Landau, M.'    2 0000-0002-1743-3430 
# 
loop_
_entity.id 
_entity.type 
_entity.src_method 
_entity.pdbx_description 
_entity.formula_weight 
_entity.pdbx_number_of_molecules 
_entity.pdbx_ec 
_entity.pdbx_mutation 
_entity.pdbx_fragment 
_entity.details 
1 polymer syn 'Cathelicidin antimicrobial peptide' 1724.125 2  ? ? 'Antimicrobial core segment of human LL37 (residues 17-29)' ? 
2 water   nat water                                18.015   31 ? ? ?                                                           ? 
# 
_entity_name_com.entity_id   1 
_entity_name_com.name        '18 kDa cationic antimicrobial protein,hCAP-18' 
# 
_entity_poly.entity_id                      1 
_entity_poly.type                           'polypeptide(L)' 
_entity_poly.nstd_linkage                   no 
_entity_poly.nstd_monomer                   no 
_entity_poly.pdbx_seq_one_letter_code       FKRIVQRIKDFLR 
_entity_poly.pdbx_seq_one_letter_code_can   FKRIVQRIKDFLR 
_entity_poly.pdbx_strand_id                 A,B 
_entity_poly.pdbx_target_identifier         ? 
# 
_pdbx_entity_nonpoly.entity_id   2 
_pdbx_entity_nonpoly.name        water 
_pdbx_entity_nonpoly.comp_id     HOH 
# 
loop_
_entity_poly_seq.entity_id 
_entity_poly_seq.num 
_entity_poly_seq.mon_id 
_entity_poly_seq.hetero 
1 1  PHE n 
1 2  LYS n 
1 3  ARG n 
1 4  ILE n 
1 5  VAL n 
1 6  GLN n 
1 7  ARG n 
1 8  ILE n 
1 9  LYS n 
1 10 ASP n 
1 11 PHE n 
1 12 LEU n 
1 13 ARG n 
# 
_pdbx_entity_src_syn.entity_id              1 
_pdbx_entity_src_syn.pdbx_src_id            1 
_pdbx_entity_src_syn.pdbx_alt_source_flag   sample 
_pdbx_entity_src_syn.pdbx_beg_seq_num       1 
_pdbx_entity_src_syn.pdbx_end_seq_num       13 
_pdbx_entity_src_syn.organism_scientific    'Homo sapiens' 
_pdbx_entity_src_syn.organism_common_name   Human 
_pdbx_entity_src_syn.ncbi_taxonomy_id       9606 
_pdbx_entity_src_syn.details                'Human LL37(17-29), synthesized' 
# 
loop_
_chem_comp.id 
_chem_comp.type 
_chem_comp.mon_nstd_flag 
_chem_comp.name 
_chem_comp.pdbx_synonyms 
_chem_comp.formula 
_chem_comp.formula_weight 
ARG 'L-peptide linking' y ARGININE        ? 'C6 H15 N4 O2 1' 175.209 
ASP 'L-peptide linking' y 'ASPARTIC ACID' ? 'C4 H7 N O4'     133.103 
GLN 'L-peptide linking' y GLUTAMINE       ? 'C5 H10 N2 O3'   146.144 
HOH non-polymer         . WATER           ? 'H2 O'           18.015  
ILE 'L-peptide linking' y ISOLEUCINE      ? 'C6 H13 N O2'    131.173 
LEU 'L-peptide linking' y LEUCINE         ? 'C6 H13 N O2'    131.173 
LYS 'L-peptide linking' y LYSINE          ? 'C6 H15 N2 O2 1' 147.195 
PHE 'L-peptide linking' y PHENYLALANINE   ? 'C9 H11 N O2'    165.189 
VAL 'L-peptide linking' y VALINE          ? 'C5 H11 N O2'    117.146 
# 
loop_
_pdbx_poly_seq_scheme.asym_id 
_pdbx_poly_seq_scheme.entity_id 
_pdbx_poly_seq_scheme.seq_id 
_pdbx_poly_seq_scheme.mon_id 
_pdbx_poly_seq_scheme.ndb_seq_num 
_pdbx_poly_seq_scheme.pdb_seq_num 
_pdbx_poly_seq_scheme.auth_seq_num 
_pdbx_poly_seq_scheme.pdb_mon_id 
_pdbx_poly_seq_scheme.auth_mon_id 
_pdbx_poly_seq_scheme.pdb_strand_id 
_pdbx_poly_seq_scheme.pdb_ins_code 
_pdbx_poly_seq_scheme.hetero 
A 1 1  PHE 1  1  1  PHE PHE A . n 
A 1 2  LYS 2  2  2  LYS LYS A . n 
A 1 3  ARG 3  3  3  ARG ARG A . n 
A 1 4  ILE 4  4  4  ILE ILE A . n 
A 1 5  VAL 5  5  5  VAL VAL A . n 
A 1 6  GLN 6  6  6  GLN GLN A . n 
A 1 7  ARG 7  7  7  ARG ARG A . n 
A 1 8  ILE 8  8  8  ILE ILE A . n 
A 1 9  LYS 9  9  9  LYS LYS A . n 
A 1 10 ASP 10 10 10 ASP ASP A . n 
A 1 11 PHE 11 11 11 PHE PHE A . n 
A 1 12 LEU 12 12 12 LEU LEU A . n 
A 1 13 ARG 13 13 13 ARG ARG A . n 
B 1 1  PHE 1  1  1  PHE PHE B . n 
B 1 2  LYS 2  2  2  LYS LYS B . n 
B 1 3  ARG 3  3  3  ARG ARG B . n 
B 1 4  ILE 4  4  4  ILE ILE B . n 
B 1 5  VAL 5  5  5  VAL VAL B . n 
B 1 6  GLN 6  6  6  GLN GLN B . n 
B 1 7  ARG 7  7  7  ARG ARG B . n 
B 1 8  ILE 8  8  8  ILE ILE B . n 
B 1 9  LYS 9  9  9  LYS LYS B . n 
B 1 10 ASP 10 10 10 ASP ASP B . n 
B 1 11 PHE 11 11 11 PHE PHE B . n 
B 1 12 LEU 12 12 12 LEU LEU B . n 
B 1 13 ARG 13 13 13 ARG ARG B . n 
# 
loop_
_pdbx_nonpoly_scheme.asym_id 
_pdbx_nonpoly_scheme.entity_id 
_pdbx_nonpoly_scheme.mon_id 
_pdbx_nonpoly_scheme.ndb_seq_num 
_pdbx_nonpoly_scheme.pdb_seq_num 
_pdbx_nonpoly_scheme.auth_seq_num 
_pdbx_nonpoly_scheme.pdb_mon_id 
_pdbx_nonpoly_scheme.auth_mon_id 
_pdbx_nonpoly_scheme.pdb_strand_id 
_pdbx_nonpoly_scheme.pdb_ins_code 
C 2 HOH 1  101 18 HOH HOH A . 
C 2 HOH 2  102 31 HOH HOH A . 
C 2 HOH 3  103 4  HOH HOH A . 
C 2 HOH 4  104 36 HOH HOH A . 
C 2 HOH 5  105 24 HOH HOH A . 
C 2 HOH 6  106 7  HOH HOH A . 
C 2 HOH 7  107 37 HOH HOH A . 
C 2 HOH 8  108 20 HOH HOH A . 
C 2 HOH 9  109 16 HOH HOH A . 
C 2 HOH 10 110 19 HOH HOH A . 
C 2 HOH 11 111 39 HOH HOH A . 
C 2 HOH 12 112 22 HOH HOH A . 
C 2 HOH 13 113 33 HOH HOH A . 
C 2 HOH 14 114 30 HOH HOH A . 
C 2 HOH 15 115 1  HOH HOH A . 
D 2 HOH 1  101 17 HOH HOH B . 
D 2 HOH 2  102 8  HOH HOH B . 
D 2 HOH 3  103 6  HOH HOH B . 
D 2 HOH 4  104 3  HOH HOH B . 
D 2 HOH 5  105 21 HOH HOH B . 
D 2 HOH 6  106 23 HOH HOH B . 
D 2 HOH 7  107 28 HOH HOH B . 
D 2 HOH 8  108 2  HOH HOH B . 
D 2 HOH 9  109 10 HOH HOH B . 
D 2 HOH 10 110 11 HOH HOH B . 
D 2 HOH 11 111 9  HOH HOH B . 
D 2 HOH 12 112 32 HOH HOH B . 
D 2 HOH 13 113 13 HOH HOH B . 
D 2 HOH 14 114 27 HOH HOH B . 
D 2 HOH 15 115 29 HOH HOH B . 
D 2 HOH 16 116 38 HOH HOH B . 
# 
loop_
_software.citation_id 
_software.classification 
_software.compiler_name 
_software.compiler_version 
_software.contact_author 
_software.contact_author_email 
_software.date 
_software.description 
_software.dependencies 
_software.hardware 
_software.language 
_software.location 
_software.mods 
_software.name 
_software.os 
_software.os_version 
_software.type 
_software.version 
_software.pdbx_ordinal 
? refinement        ? ? ?                 ?                                       ?              ? ? ? ?   ? ? REFMAC      ? ? ? 
5.8.0253 1 
? 'data reduction'  ? ? 'Wolfgang Kabsch' Wolfgang.Kabsch@mpimf-heidelberg.mpg.de ?              ? ? ? ?   
http://www.mpimf-heidelberg.mpg.de/~kabsch/xds/                             ? XDS         ? ? package .        2 
? 'data scaling'    ? ? 'Wolfgang Kabsch' ?                                       ?              ? ? ? ?   
http://www.mpimf-heidelberg.mpg.de/~kabsch/xds/html_doc/xscale_program.html ? XSCALE      ? ? package .        3 
? phasing           ? ? 'Randy J. Read'   cimr-phaser@lists.cam.ac.uk             ?              ? ? ? ?   
http://www-structmed.cimr.cam.ac.uk/phaser/                                 ? PHASER      ? ? program .        4 
? 'data extraction' ? ? PDB               deposit@deposit.rcsb.org                'Apr. 1, 2019' ? ? ? C++ 
http://sw-tools.pdb.org/apps/PDB_EXTRACT/                                   ? PDB_EXTRACT ? ? package 3.25     5 
# 
_cell.angle_alpha                  90.000 
_cell.angle_alpha_esd              ? 
_cell.angle_beta                   90.000 
_cell.angle_beta_esd               ? 
_cell.angle_gamma                  120.000 
_cell.angle_gamma_esd              ? 
_cell.entry_id                     6S6M 
_cell.details                      ? 
_cell.formula_units_Z              ? 
_cell.length_a                     41.450 
_cell.length_a_esd                 ? 
_cell.length_b                     41.450 
_cell.length_b_esd                 ? 
_cell.length_c                     57.470 
_cell.length_c_esd                 ? 
_cell.volume                       ? 
_cell.volume_esd                   ? 
_cell.Z_PDB                        24 
_cell.reciprocal_angle_alpha       ? 
_cell.reciprocal_angle_beta        ? 
_cell.reciprocal_angle_gamma       ? 
_cell.reciprocal_angle_alpha_esd   ? 
_cell.reciprocal_angle_beta_esd    ? 
_cell.reciprocal_angle_gamma_esd   ? 
_cell.reciprocal_length_a          ? 
_cell.reciprocal_length_b          ? 
_cell.reciprocal_length_c          ? 
_cell.reciprocal_length_a_esd      ? 
_cell.reciprocal_length_b_esd      ? 
_cell.reciprocal_length_c_esd      ? 
_cell.pdbx_unique_axis             ? 
# 
_symmetry.entry_id                         6S6M 
_symmetry.cell_setting                     ? 
_symmetry.Int_Tables_number                178 
_symmetry.space_group_name_Hall            ? 
_symmetry.space_group_name_H-M             'P 61 2 2' 
_symmetry.pdbx_full_space_group_name_H-M   ? 
# 
_exptl.absorpt_coefficient_mu     ? 
_exptl.absorpt_correction_T_max   ? 
_exptl.absorpt_correction_T_min   ? 
_exptl.absorpt_correction_type    ? 
_exptl.absorpt_process_details    ? 
_exptl.entry_id                   6S6M 
_exptl.crystals_number            1 
_exptl.details                    ? 
_exptl.method                     'X-RAY DIFFRACTION' 
_exptl.method_details             ? 
# 
_exptl_crystal.colour                      ? 
_exptl_crystal.density_diffrn              ? 
_exptl_crystal.density_Matthews            2.07 
_exptl_crystal.density_method              ? 
_exptl_crystal.density_percent_sol         40.48 
_exptl_crystal.description                 ? 
_exptl_crystal.F_000                       ? 
_exptl_crystal.id                          1 
_exptl_crystal.preparation                 ? 
_exptl_crystal.size_max                    ? 
_exptl_crystal.size_mid                    ? 
_exptl_crystal.size_min                    ? 
_exptl_crystal.size_rad                    ? 
_exptl_crystal.colour_lustre               ? 
_exptl_crystal.colour_modifier             ? 
_exptl_crystal.colour_primary              ? 
_exptl_crystal.density_meas                ? 
_exptl_crystal.density_meas_esd            ? 
_exptl_crystal.density_meas_gt             ? 
_exptl_crystal.density_meas_lt             ? 
_exptl_crystal.density_meas_temp           ? 
_exptl_crystal.density_meas_temp_esd       ? 
_exptl_crystal.density_meas_temp_gt        ? 
_exptl_crystal.density_meas_temp_lt        ? 
_exptl_crystal.pdbx_crystal_image_url      ? 
_exptl_crystal.pdbx_crystal_image_format   ? 
_exptl_crystal.pdbx_mosaicity              ? 
_exptl_crystal.pdbx_mosaicity_esd          ? 
# 
_exptl_crystal_grow.apparatus       ? 
_exptl_crystal_grow.atmosphere      ? 
_exptl_crystal_grow.crystal_id      1 
_exptl_crystal_grow.details         ? 
_exptl_crystal_grow.method          'VAPOR DIFFUSION, HANGING DROP' 
_exptl_crystal_grow.method_ref      ? 
_exptl_crystal_grow.pH              ? 
_exptl_crystal_grow.pressure        ? 
_exptl_crystal_grow.pressure_esd    ? 
_exptl_crystal_grow.seeding         ? 
_exptl_crystal_grow.seeding_ref     ? 
_exptl_crystal_grow.temp            293 
_exptl_crystal_grow.temp_details    ? 
_exptl_crystal_grow.temp_esd        ? 
_exptl_crystal_grow.time            ? 
_exptl_crystal_grow.pdbx_details    'Reservoir contained 0.2 M Sodium Acetate, 0.1 M TRIS pH 8.5, 30 %w/v PEG 4K' 
_exptl_crystal_grow.pdbx_pH_range   ? 
# 
_diffrn.ambient_environment              ? 
_diffrn.ambient_temp                     100 
_diffrn.ambient_temp_details             ? 
_diffrn.ambient_temp_esd                 ? 
_diffrn.crystal_id                       1 
_diffrn.crystal_support                  ? 
_diffrn.crystal_treatment                ? 
_diffrn.details                          ? 
_diffrn.id                               1 
_diffrn.ambient_pressure                 ? 
_diffrn.ambient_pressure_esd             ? 
_diffrn.ambient_pressure_gt              ? 
_diffrn.ambient_pressure_lt              ? 
_diffrn.ambient_temp_gt                  ? 
_diffrn.ambient_temp_lt                  ? 
_diffrn.pdbx_serial_crystal_experiment   N 
# 
_diffrn_detector.details                      ? 
_diffrn_detector.detector                     PIXEL 
_diffrn_detector.diffrn_id                    1 
_diffrn_detector.type                         'DECTRIS EIGER X 16M' 
_diffrn_detector.area_resol_mean              ? 
_diffrn_detector.dtime                        ? 
_diffrn_detector.pdbx_frames_total            ? 
_diffrn_detector.pdbx_collection_time_total   ? 
_diffrn_detector.pdbx_collection_date         2018-07-07 
_diffrn_detector.pdbx_frequency               ? 
# 
_diffrn_radiation.collimation                      ? 
_diffrn_radiation.diffrn_id                        1 
_diffrn_radiation.filter_edge                      ? 
_diffrn_radiation.inhomogeneity                    ? 
_diffrn_radiation.monochromator                    ? 
_diffrn_radiation.polarisn_norm                    ? 
_diffrn_radiation.polarisn_ratio                   ? 
_diffrn_radiation.probe                            ? 
_diffrn_radiation.type                             ? 
_diffrn_radiation.xray_symbol                      ? 
_diffrn_radiation.wavelength_id                    1 
_diffrn_radiation.pdbx_monochromatic_or_laue_m_l   M 
_diffrn_radiation.pdbx_wavelength_list             ? 
_diffrn_radiation.pdbx_wavelength                  ? 
_diffrn_radiation.pdbx_diffrn_protocol             'SINGLE WAVELENGTH' 
_diffrn_radiation.pdbx_analyzer                    ? 
_diffrn_radiation.pdbx_scattering_type             x-ray 
# 
_diffrn_radiation_wavelength.id           1 
_diffrn_radiation_wavelength.wavelength   0.9763 
_diffrn_radiation_wavelength.wt           1.0 
# 
_diffrn_source.current                     ? 
_diffrn_source.details                     ? 
_diffrn_source.diffrn_id                   1 
_diffrn_source.power                       ? 
_diffrn_source.size                        ? 
_diffrn_source.source                      SYNCHROTRON 
_diffrn_source.target                      ? 
_diffrn_source.type                        'PETRA III, EMBL c/o DESY BEAMLINE P14 (MX2)' 
_diffrn_source.voltage                     ? 
_diffrn_source.take-off_angle              ? 
_diffrn_source.pdbx_wavelength_list        0.9763 
_diffrn_source.pdbx_wavelength             ? 
_diffrn_source.pdbx_synchrotron_beamline   'P14 (MX2)' 
_diffrn_source.pdbx_synchrotron_site       'PETRA III, EMBL c/o DESY' 
# 
_reflns.B_iso_Wilson_estimate            21.958 
_reflns.entry_id                         6S6M 
_reflns.data_reduction_details           ? 
_reflns.data_reduction_method            ? 
_reflns.d_resolution_high                1.350 
_reflns.d_resolution_low                 19.500 
_reflns.details                          ? 
_reflns.limit_h_max                      ? 
_reflns.limit_h_min                      ? 
_reflns.limit_k_max                      ? 
_reflns.limit_k_min                      ? 
_reflns.limit_l_max                      ? 
_reflns.limit_l_min                      ? 
_reflns.number_all                       ? 
_reflns.number_obs                       6782 
_reflns.observed_criterion               ? 
_reflns.observed_criterion_F_max         ? 
_reflns.observed_criterion_F_min         ? 
_reflns.observed_criterion_I_max         ? 
_reflns.observed_criterion_I_min         ? 
_reflns.observed_criterion_sigma_F       ? 
_reflns.observed_criterion_sigma_I       ? 
_reflns.percent_possible_obs             98.700 
_reflns.R_free_details                   ? 
_reflns.Rmerge_F_all                     ? 
_reflns.Rmerge_F_obs                     ? 
_reflns.Friedel_coverage                 ? 
_reflns.number_gt                        ? 
_reflns.threshold_expression             ? 
_reflns.pdbx_redundancy                  8.820 
_reflns.pdbx_Rmerge_I_obs                0.056 
_reflns.pdbx_Rmerge_I_all                ? 
_reflns.pdbx_Rsym_value                  ? 
_reflns.pdbx_netI_over_av_sigmaI         ? 
_reflns.pdbx_netI_over_sigmaI            21.460 
_reflns.pdbx_res_netI_over_av_sigmaI_2   ? 
_reflns.pdbx_res_netI_over_sigmaI_2      ? 
_reflns.pdbx_chi_squared                 0.994 
_reflns.pdbx_scaling_rejects             176 
_reflns.pdbx_d_res_high_opt              ? 
_reflns.pdbx_d_res_low_opt               ? 
_reflns.pdbx_d_res_opt_method            ? 
_reflns.phase_calculation_details        ? 
_reflns.pdbx_Rrim_I_all                  0.060 
_reflns.pdbx_Rpim_I_all                  ? 
_reflns.pdbx_d_opt                       ? 
_reflns.pdbx_number_measured_all         59815 
_reflns.pdbx_diffrn_id                   1 
_reflns.pdbx_ordinal                     1 
_reflns.pdbx_CC_half                     0.997 
_reflns.pdbx_R_split                     ? 
# 
loop_
_reflns_shell.d_res_high 
_reflns_shell.d_res_low 
_reflns_shell.meanI_over_sigI_all 
_reflns_shell.meanI_over_sigI_obs 
_reflns_shell.number_measured_all 
_reflns_shell.number_measured_obs 
_reflns_shell.number_possible 
_reflns_shell.number_unique_all 
_reflns_shell.number_unique_obs 
_reflns_shell.percent_possible_all 
_reflns_shell.percent_possible_obs 
_reflns_shell.Rmerge_F_all 
_reflns_shell.Rmerge_F_obs 
_reflns_shell.Rmerge_I_all 
_reflns_shell.Rmerge_I_obs 
_reflns_shell.meanI_over_sigI_gt 
_reflns_shell.meanI_over_uI_all 
_reflns_shell.meanI_over_uI_gt 
_reflns_shell.number_measured_gt 
_reflns_shell.number_unique_gt 
_reflns_shell.percent_possible_gt 
_reflns_shell.Rmerge_F_gt 
_reflns_shell.Rmerge_I_gt 
_reflns_shell.pdbx_redundancy 
_reflns_shell.pdbx_Rsym_value 
_reflns_shell.pdbx_chi_squared 
_reflns_shell.pdbx_netI_over_sigmaI_all 
_reflns_shell.pdbx_netI_over_sigmaI_obs 
_reflns_shell.pdbx_Rrim_I_all 
_reflns_shell.pdbx_Rpim_I_all 
_reflns_shell.pdbx_rejects 
_reflns_shell.pdbx_ordinal 
_reflns_shell.pdbx_diffrn_id 
_reflns_shell.pdbx_CC_half 
_reflns_shell.pdbx_R_split 
1.350 1.390  ? 3.530  ? 4470 506 ? 505 99.800  ? ? ? ? 0.788 ? ? ? ? ? ? ? ? 8.851 ? ? ? ? 0.839 ? ? 1  1 0.897 ? 
1.390 1.420  ? 4.530  ? 4264 473 ? 471 99.600  ? ? ? ? 0.710 ? ? ? ? ? ? ? ? 9.053 ? ? ? ? 0.754 ? ? 2  1 0.925 ? 
1.420 1.460  ? 5.810  ? 3935 455 ? 453 99.600  ? ? ? ? 0.658 ? ? ? ? ? ? ? ? 8.687 ? ? ? ? 0.701 ? ? 3  1 0.900 ? 
1.460 1.510  ? 7.900  ? 4068 464 ? 459 98.900  ? ? ? ? 0.488 ? ? ? ? ? ? ? ? 8.863 ? ? ? ? 0.518 ? ? 4  1 0.966 ? 
1.510 1.560  ? 11.130 ? 4074 435 ? 435 100.000 ? ? ? ? 0.299 ? ? ? ? ? ? ? ? 9.366 ? ? ? ? 0.316 ? ? 5  1 0.977 ? 
1.560 1.610  ? 14.220 ? 4095 435 ? 434 99.800  ? ? ? ? 0.184 ? ? ? ? ? ? ? ? 9.435 ? ? ? ? 0.194 ? ? 6  1 0.990 ? 
1.610 1.670  ? 16.180 ? 3888 410 ? 410 100.000 ? ? ? ? 0.149 ? ? ? ? ? ? ? ? 9.483 ? ? ? ? 0.157 ? ? 7  1 0.994 ? 
1.670 1.740  ? 17.320 ? 3659 401 ? 400 99.800  ? ? ? ? 0.132 ? ? ? ? ? ? ? ? 9.148 ? ? ? ? 0.140 ? ? 8  1 0.993 ? 
1.740 1.820  ? 20.810 ? 3545 381 ? 380 99.700  ? ? ? ? 0.099 ? ? ? ? ? ? ? ? 9.329 ? ? ? ? 0.105 ? ? 9  1 0.997 ? 
1.820 1.910  ? 22.760 ? 3033 374 ? 359 96.000  ? ? ? ? 0.094 ? ? ? ? ? ? ? ? 8.448 ? ? ? ? 0.100 ? ? 10 1 0.996 ? 
1.910 2.010  ? 27.510 ? 2571 348 ? 330 94.800  ? ? ? ? 0.080 ? ? ? ? ? ? ? ? 7.791 ? ? ? ? 0.085 ? ? 11 1 0.995 ? 
2.010 2.130  ? 33.030 ? 2974 342 ? 342 100.000 ? ? ? ? 0.057 ? ? ? ? ? ? ? ? 8.696 ? ? ? ? 0.061 ? ? 12 1 0.998 ? 
2.130 2.280  ? 36.420 ? 2469 314 ? 302 96.200  ? ? ? ? 0.054 ? ? ? ? ? ? ? ? 8.175 ? ? ? ? 0.058 ? ? 13 1 0.998 ? 
2.280 2.460  ? 40.370 ? 2741 301 ? 298 99.000  ? ? ? ? 0.045 ? ? ? ? ? ? ? ? 9.198 ? ? ? ? 0.048 ? ? 14 1 0.998 ? 
2.460 2.700  ? 42.700 ? 2540 276 ? 276 100.000 ? ? ? ? 0.042 ? ? ? ? ? ? ? ? 9.203 ? ? ? ? 0.044 ? ? 15 1 0.999 ? 
2.700 3.020  ? 42.880 ? 2234 258 ? 258 100.000 ? ? ? ? 0.038 ? ? ? ? ? ? ? ? 8.659 ? ? ? ? 0.041 ? ? 16 1 0.999 ? 
3.020 3.490  ? 43.940 ? 1930 231 ? 228 98.700  ? ? ? ? 0.036 ? ? ? ? ? ? ? ? 8.465 ? ? ? ? 0.038 ? ? 17 1 0.999 ? 
3.490 4.270  ? 43.540 ? 1488 199 ? 190 95.500  ? ? ? ? 0.038 ? ? ? ? ? ? ? ? 7.832 ? ? ? ? 0.041 ? ? 18 1 0.995 ? 
4.270 6.040  ? 42.990 ? 1279 165 ? 160 97.000  ? ? ? ? 0.038 ? ? ? ? ? ? ? ? 7.994 ? ? ? ? 0.041 ? ? 19 1 0.996 ? 
6.040 19.500 ? 35.670 ? 558  106 ? 92  86.800  ? ? ? ? 0.032 ? ? ? ? ? ? ? ? 6.065 ? ? ? ? 0.037 ? ? 20 1 0.997 ? 
# 
_refine.aniso_B[1][1]                            -0.1600 
_refine.aniso_B[1][2]                            -0.0800 
_refine.aniso_B[1][3]                            0.0000 
_refine.aniso_B[2][2]                            -0.1600 
_refine.aniso_B[2][3]                            0.0000 
_refine.aniso_B[3][3]                            0.5200 
_refine.B_iso_max                                47.680 
_refine.B_iso_mean                               16.7950 
_refine.B_iso_min                                10.040 
_refine.correlation_coeff_Fo_to_Fc               0.9440 
_refine.correlation_coeff_Fo_to_Fc_free          0.9090 
_refine.details                                  
'HYDROGENS HAVE BEEN ADDED IN THE RIDING POSITIONS U VALUES      : REFINED INDIVIDUALLY' 
_refine.diff_density_max                         ? 
_refine.diff_density_max_esd                     ? 
_refine.diff_density_min                         ? 
_refine.diff_density_min_esd                     ? 
_refine.diff_density_rms                         ? 
_refine.diff_density_rms_esd                     ? 
_refine.entry_id                                 6S6M 
_refine.pdbx_refine_id                           'X-RAY DIFFRACTION' 
_refine.ls_abs_structure_details                 ? 
_refine.ls_abs_structure_Flack                   ? 
_refine.ls_abs_structure_Flack_esd               ? 
_refine.ls_abs_structure_Rogers                  ? 
_refine.ls_abs_structure_Rogers_esd              ? 
_refine.ls_d_res_high                            1.3500 
_refine.ls_d_res_low                             19.5000 
_refine.ls_extinction_coef                       ? 
_refine.ls_extinction_coef_esd                   ? 
_refine.ls_extinction_expression                 ? 
_refine.ls_extinction_method                     ? 
_refine.ls_goodness_of_fit_all                   ? 
_refine.ls_goodness_of_fit_all_esd               ? 
_refine.ls_goodness_of_fit_obs                   ? 
_refine.ls_goodness_of_fit_obs_esd               ? 
_refine.ls_hydrogen_treatment                    ? 
_refine.ls_matrix_type                           ? 
_refine.ls_number_constraints                    ? 
_refine.ls_number_parameters                     ? 
_refine.ls_number_reflns_all                     ? 
_refine.ls_number_reflns_obs                     6103 
_refine.ls_number_reflns_R_free                  679 
_refine.ls_number_reflns_R_work                  ? 
_refine.ls_number_restraints                     ? 
_refine.ls_percent_reflns_obs                    98.6600 
_refine.ls_percent_reflns_R_free                 10.0000 
_refine.ls_R_factor_all                          ? 
_refine.ls_R_factor_obs                          0.2357 
_refine.ls_R_factor_R_free                       0.2679 
_refine.ls_R_factor_R_free_error                 ? 
_refine.ls_R_factor_R_free_error_details         ? 
_refine.ls_R_factor_R_work                       0.2321 
_refine.ls_R_Fsqd_factor_obs                     ? 
_refine.ls_R_I_factor_obs                        ? 
_refine.ls_redundancy_reflns_all                 ? 
_refine.ls_redundancy_reflns_obs                 ? 
_refine.ls_restrained_S_all                      ? 
_refine.ls_restrained_S_obs                      ? 
_refine.ls_shift_over_esd_max                    ? 
_refine.ls_shift_over_esd_mean                   ? 
_refine.ls_structure_factor_coef                 ? 
_refine.ls_weighting_details                     ? 
_refine.ls_weighting_scheme                      ? 
_refine.ls_wR_factor_all                         ? 
_refine.ls_wR_factor_obs                         ? 
_refine.ls_wR_factor_R_free                      ? 
_refine.ls_wR_factor_R_work                      ? 
_refine.occupancy_max                            ? 
_refine.occupancy_min                            ? 
_refine.solvent_model_details                    ? 
_refine.solvent_model_param_bsol                 ? 
_refine.solvent_model_param_ksol                 ? 
_refine.ls_R_factor_gt                           ? 
_refine.ls_goodness_of_fit_gt                    ? 
_refine.ls_goodness_of_fit_ref                   ? 
_refine.ls_shift_over_su_max                     ? 
_refine.ls_shift_over_su_max_lt                  ? 
_refine.ls_shift_over_su_mean                    ? 
_refine.ls_shift_over_su_mean_lt                 ? 
_refine.pdbx_ls_sigma_I                          ? 
_refine.pdbx_ls_sigma_F                          0.000 
_refine.pdbx_ls_sigma_Fsqd                       ? 
_refine.pdbx_data_cutoff_high_absF               ? 
_refine.pdbx_data_cutoff_high_rms_absF           ? 
_refine.pdbx_data_cutoff_low_absF                ? 
_refine.pdbx_isotropic_thermal_model             ? 
_refine.pdbx_ls_cross_valid_method               THROUGHOUT 
_refine.pdbx_method_to_determine_struct          'MOLECULAR REPLACEMENT' 
_refine.pdbx_starting_model                      ? 
_refine.pdbx_stereochemistry_target_values       ? 
_refine.pdbx_R_Free_selection_details            RANDOM 
_refine.pdbx_stereochem_target_val_spec_case     ? 
_refine.pdbx_overall_ESU_R                       0.0810 
_refine.pdbx_overall_ESU_R_Free                  0.0830 
_refine.pdbx_solvent_vdw_probe_radii             1.2000 
_refine.pdbx_solvent_ion_probe_radii             0.8000 
_refine.pdbx_solvent_shrinkage_radii             0.8000 
_refine.pdbx_real_space_R                        ? 
_refine.pdbx_density_correlation                 ? 
_refine.pdbx_pd_number_of_powder_patterns        ? 
_refine.pdbx_pd_number_of_points                 ? 
_refine.pdbx_pd_meas_number_of_points            ? 
_refine.pdbx_pd_proc_ls_prof_R_factor            ? 
_refine.pdbx_pd_proc_ls_prof_wR_factor           ? 
_refine.pdbx_pd_Marquardt_correlation_coeff      ? 
_refine.pdbx_pd_Fsqrd_R_factor                   ? 
_refine.pdbx_pd_ls_matrix_band_width             ? 
_refine.pdbx_overall_phase_error                 ? 
_refine.pdbx_overall_SU_R_free_Cruickshank_DPI   ? 
_refine.pdbx_overall_SU_R_free_Blow_DPI          ? 
_refine.pdbx_overall_SU_R_Blow_DPI               ? 
_refine.pdbx_TLS_residual_ADP_flag               ? 
_refine.pdbx_diffrn_id                           1 
_refine.overall_SU_B                             1.1850 
_refine.overall_SU_ML                            0.0480 
_refine.overall_SU_R_Cruickshank_DPI             0.0806 
_refine.overall_SU_R_free                        ? 
_refine.overall_FOM_free_R_set                   ? 
_refine.overall_FOM_work_R_set                   ? 
_refine.pdbx_average_fsc_overall                 ? 
_refine.pdbx_average_fsc_work                    ? 
_refine.pdbx_average_fsc_free                    ? 
# 
_refine_hist.pdbx_refine_id                   'X-RAY DIFFRACTION' 
_refine_hist.cycle_id                         final 
_refine_hist.details                          ? 
_refine_hist.d_res_high                       1.3500 
_refine_hist.d_res_low                        19.5000 
_refine_hist.number_atoms_solvent             31 
_refine_hist.number_atoms_total               275 
_refine_hist.number_reflns_all                ? 
_refine_hist.number_reflns_obs                ? 
_refine_hist.number_reflns_R_free             ? 
_refine_hist.number_reflns_R_work             ? 
_refine_hist.R_factor_all                     ? 
_refine_hist.R_factor_obs                     ? 
_refine_hist.R_factor_R_free                  ? 
_refine_hist.R_factor_R_work                  ? 
_refine_hist.pdbx_number_residues_total       26 
_refine_hist.pdbx_B_iso_mean_ligand           ? 
_refine_hist.pdbx_B_iso_mean_solvent          28.26 
_refine_hist.pdbx_number_atoms_protein        244 
_refine_hist.pdbx_number_atoms_nucleic_acid   0 
_refine_hist.pdbx_number_atoms_ligand         0 
_refine_hist.pdbx_number_atoms_lipid          ? 
_refine_hist.pdbx_number_atoms_carb           ? 
_refine_hist.pdbx_pseudo_atom_details         ? 
# 
loop_
_refine_ls_restr.pdbx_refine_id 
_refine_ls_restr.criterion 
_refine_ls_restr.dev_ideal 
_refine_ls_restr.dev_ideal_target 
_refine_ls_restr.number 
_refine_ls_restr.rejects 
_refine_ls_restr.type 
_refine_ls_restr.weight 
_refine_ls_restr.pdbx_restraint_function 
'X-RAY DIFFRACTION' ? 0.011  0.013  275 ? r_bond_refined_d       ? ? 
'X-RAY DIFFRACTION' ? 0.030  0.017  306 ? r_bond_other_d         ? ? 
'X-RAY DIFFRACTION' ? 1.613  1.695  366 ? r_angle_refined_deg    ? ? 
'X-RAY DIFFRACTION' ? 1.377  1.634  700 ? r_angle_other_deg      ? ? 
'X-RAY DIFFRACTION' ? 3.465  5.000  30  ? r_dihedral_angle_1_deg ? ? 
'X-RAY DIFFRACTION' ? 26.288 16.667 24  ? r_dihedral_angle_2_deg ? ? 
'X-RAY DIFFRACTION' ? 14.264 15.000 68  ? r_dihedral_angle_3_deg ? ? 
'X-RAY DIFFRACTION' ? 8.379  15.000 7   ? r_dihedral_angle_4_deg ? ? 
'X-RAY DIFFRACTION' ? 0.072  0.200  34  ? r_chiral_restr         ? ? 
'X-RAY DIFFRACTION' ? 0.007  0.020  306 ? r_gen_planes_refined   ? ? 
'X-RAY DIFFRACTION' ? 0.001  0.020  83  ? r_gen_planes_other     ? ? 
# 
_refine_ls_shell.pdbx_refine_id                   'X-RAY DIFFRACTION' 
_refine_ls_shell.d_res_high                       1.3500 
_refine_ls_shell.d_res_low                        1.3850 
_refine_ls_shell.number_reflns_all                503 
_refine_ls_shell.number_reflns_obs                ? 
_refine_ls_shell.number_reflns_R_free             51 
_refine_ls_shell.number_reflns_R_work             452 
_refine_ls_shell.percent_reflns_obs               99.8000 
_refine_ls_shell.percent_reflns_R_free            ? 
_refine_ls_shell.R_factor_all                     ? 
_refine_ls_shell.R_factor_obs                     ? 
_refine_ls_shell.R_factor_R_free                  0.3920 
_refine_ls_shell.R_factor_R_free_error            0.0000 
_refine_ls_shell.R_factor_R_work                  0.3990 
_refine_ls_shell.redundancy_reflns_all            ? 
_refine_ls_shell.redundancy_reflns_obs            ? 
_refine_ls_shell.wR_factor_all                    ? 
_refine_ls_shell.wR_factor_obs                    ? 
_refine_ls_shell.wR_factor_R_free                 ? 
_refine_ls_shell.wR_factor_R_work                 ? 
_refine_ls_shell.pdbx_total_number_of_bins_used   20 
_refine_ls_shell.pdbx_phase_error                 ? 
_refine_ls_shell.pdbx_fsc_work                    ? 
_refine_ls_shell.pdbx_fsc_free                    ? 
# 
_struct.entry_id                     6S6M 
_struct.title                        'Crystal structure of the human LL37(17-29) antimicrobial peptide' 
_struct.pdbx_model_details           Antimicrobial 
_struct.pdbx_formula_weight          ? 
_struct.pdbx_formula_weight_method   ? 
_struct.pdbx_model_type_details      ? 
_struct.pdbx_CASP_flag               N 
# 
_struct_keywords.entry_id        6S6M 
_struct_keywords.text            'Helical and tubular fibril structure of a human derived antimicrobial peptide, PROTEIN FIBRIL' 
_struct_keywords.pdbx_keywords   'PROTEIN FIBRIL' 
# 
loop_
_struct_asym.id 
_struct_asym.pdbx_blank_PDB_chainid_flag 
_struct_asym.pdbx_modified 
_struct_asym.entity_id 
_struct_asym.details 
A N N 1 ? 
B N N 1 ? 
C N N 2 ? 
D N N 2 ? 
# 
_struct_ref.id                         1 
_struct_ref.db_name                    UNP 
_struct_ref.db_code                    CAMP_HUMAN 
_struct_ref.pdbx_db_accession          P49913 
_struct_ref.pdbx_db_isoform            ? 
_struct_ref.entity_id                  1 
_struct_ref.pdbx_seq_one_letter_code   FKRIVQRIKDFLR 
_struct_ref.pdbx_align_begin           150 
# 
loop_
_struct_ref_seq.align_id 
_struct_ref_seq.ref_id 
_struct_ref_seq.pdbx_PDB_id_code 
_struct_ref_seq.pdbx_strand_id 
_struct_ref_seq.seq_align_beg 
_struct_ref_seq.pdbx_seq_align_beg_ins_code 
_struct_ref_seq.seq_align_end 
_struct_ref_seq.pdbx_seq_align_end_ins_code 
_struct_ref_seq.pdbx_db_accession 
_struct_ref_seq.db_align_beg 
_struct_ref_seq.pdbx_db_align_beg_ins_code 
_struct_ref_seq.db_align_end 
_struct_ref_seq.pdbx_db_align_end_ins_code 
_struct_ref_seq.pdbx_auth_seq_align_beg 
_struct_ref_seq.pdbx_auth_seq_align_end 
1 1 6S6M A 1 ? 13 ? P49913 150 ? 162 ? 1 13 
2 1 6S6M B 1 ? 13 ? P49913 150 ? 162 ? 1 13 
# 
_pdbx_struct_assembly.id                   1 
_pdbx_struct_assembly.details              author_defined_assembly 
_pdbx_struct_assembly.method_details       ? 
_pdbx_struct_assembly.oligomeric_details   341-meric 
_pdbx_struct_assembly.oligomeric_count     341 
# 
loop_
_pdbx_struct_assembly_gen.assembly_id 
_pdbx_struct_assembly_gen.oper_expression 
_pdbx_struct_assembly_gen.asym_id_list 
1 
;1,2,3,4,5,6,7,8,9,10,11,12,13,14,15,21,22,23,24,25,26,27,28,29,30,31,32,33,34,35,41,42,43,44,45,46,47,48,49,50,56,57,58,59,60,61,62,63,64,65,71,72,73,74,75,76,77,78,79,80,81,82,83,84,85,91,92,93,94,95,96,97,98,99,100,101,102,103,104,105,111,112,113,114,115,116,117,118,119,120,121,122,123,124,125,131,132,133,134,135,136,137,138,139,140,141,142,143,144,145,151,152,153,154,155,156,157,158,159,160,161,162,163,164,165,171,172,173,174,175,176,177,178,179,180,186,187,188,189,190,191,192,193,194,195,196,197,198,199,200,206,207,208,209,210,211,212,213,214,215,216,217,218,219,220
;
A,C 
1 
;1,2,3,4,5,6,7,8,9,10,16,17,18,19,20,21,22,23,24,25,26,27,28,29,30,36,37,38,39,40,41,42,43,44,45,46,47,48,49,50,51,52,53,54,55,56,57,58,59,60,66,67,68,69,70,71,72,73,74,75,76,77,78,79,80,86,87,88,89,90,91,92,93,94,95,96,97,98,99,100,106,107,108,109,110,111,112,113,114,115,116,117,118,119,120,126,127,128,129,130,131,132,133,134,135,136,137,138,139,140,146,147,148,149,150,151,152,153,154,155,156,157,158,159,160,166,167,168,169,170,171,172,173,174,175,176,177,178,179,180,181,182,183,184,185,186,187,188,189,190,191,192,193,194,195,201,202,203,204,205,206,207,208,209,210,211,212,213,214,215,221,222,223,224,225
;
B,D 
# 
_pdbx_struct_assembly_auth_evidence.id                     1 
_pdbx_struct_assembly_auth_evidence.assembly_id            1 
_pdbx_struct_assembly_auth_evidence.experimental_support   microscopy 
_pdbx_struct_assembly_auth_evidence.details                ? 
# 
loop_
_pdbx_struct_oper_list.id 
_pdbx_struct_oper_list.type 
_pdbx_struct_oper_list.name 
_pdbx_struct_oper_list.symmetry_operation 
_pdbx_struct_oper_list.matrix[1][1] 
_pdbx_struct_oper_list.matrix[1][2] 
_pdbx_struct_oper_list.matrix[1][3] 
_pdbx_struct_oper_list.vector[1] 
_pdbx_struct_oper_list.matrix[2][1] 
_pdbx_struct_oper_list.matrix[2][2] 
_pdbx_struct_oper_list.matrix[2][3] 
_pdbx_struct_oper_list.vector[2] 
_pdbx_struct_oper_list.matrix[3][1] 
_pdbx_struct_oper_list.matrix[3][2] 
_pdbx_struct_oper_list.matrix[3][3] 
_pdbx_struct_oper_list.vector[3] 
1   'identity operation'         1_555  x,y,z               1.0000000000  0.0000000000  0.0000000000  0.0000000000   0.0000000000  1.0000000000  0.0000000000  0.0000000000   0.0000000000  0.0000000000  1.0000000000  0.0000000000   
2   'crystal symmetry operation' 1_554  x,y,z-1             1.0000000000  0.0000000000  0.0000000000  55.6085086942  0.0000000000  1.0000000000  0.0000000000  11.7334276542  0.0000000000  0.0000000000  1.0000000000  8.5335418371   
3   'crystal symmetry operation' 1_553  x,y,z-2             1.0000000000  0.0000000000  0.0000000000  111.2170173885 0.0000000000  1.0000000000  0.0000000000  23.4668553084  0.0000000000  0.0000000000  1.0000000000  17.0670836742  
4   'crystal symmetry operation' 1_552  x,y,z-3             1.0000000000  0.0000000000  0.0000000000  166.8255260827 0.0000000000  1.0000000000  0.0000000000  35.2002829627  0.0000000000  0.0000000000  1.0000000000  25.6006255112  
5   'crystal symmetry operation' 1_551  x,y,z-4             1.0000000000  0.0000000000  0.0000000000  222.4340347770 0.0000000000  1.0000000000  0.0000000000  46.9337106169  0.0000000000  0.0000000000  1.0000000000  34.1341673483  
6   'crystal symmetry operation' 1_545  x,y-1,z             1.0000000000  0.0000000000  0.0000000000  7.3185595968   0.0000000000  1.0000000000  0.0000000000  -40.1108841602 0.0000000000  0.0000000000  1.0000000000  7.4604394853   
7   'crystal symmetry operation' 1_544  x,y-1,z-1           1.0000000000  0.0000000000  0.0000000000  62.9270682911  0.0000000000  1.0000000000  0.0000000000  -28.3774565060 0.0000000000  0.0000000000  1.0000000000  15.9939813224  
8   'crystal symmetry operation' 1_543  x,y-1,z-2           1.0000000000  0.0000000000  0.0000000000  118.5355769853 0.0000000000  1.0000000000  0.0000000000  -16.6440288518 0.0000000000  0.0000000000  1.0000000000  24.5275231595  
9   'crystal symmetry operation' 1_542  x,y-1,z-3           1.0000000000  0.0000000000  0.0000000000  174.1440856796 0.0000000000  1.0000000000  0.0000000000  -4.9106011976  0.0000000000  0.0000000000  1.0000000000  33.0610649966  
10  'crystal symmetry operation' 1_541  x,y-1,z-4           1.0000000000  0.0000000000  0.0000000000  229.7525943738 0.0000000000  1.0000000000  0.0000000000  6.8228264567   0.0000000000  0.0000000000  1.0000000000  41.5946068337  
11  'crystal symmetry operation' 1_655  x+1,y,z             1.0000000000  0.0000000000  0.0000000000  -2.8178192087  0.0000000000  1.0000000000  0.0000000000  -14.7449043910 0.0000000000  0.0000000000  1.0000000000  38.6361254451  
12  'crystal symmetry operation' 1_654  x+1,y,z-1           1.0000000000  0.0000000000  0.0000000000  52.7906894855  0.0000000000  1.0000000000  0.0000000000  -3.0114767368  0.0000000000  0.0000000000  1.0000000000  47.1696672821  
13  'crystal symmetry operation' 1_653  x+1,y,z-2           1.0000000000  0.0000000000  0.0000000000  108.3991981798 0.0000000000  1.0000000000  0.0000000000  8.7219509174   0.0000000000  0.0000000000  1.0000000000  55.7032091192  
14  'crystal symmetry operation' 1_652  x+1,y,z-3           1.0000000000  0.0000000000  0.0000000000  164.0077068740 0.0000000000  1.0000000000  0.0000000000  20.4553785717  0.0000000000  0.0000000000  1.0000000000  64.2367509563  
15  'crystal symmetry operation' 1_651  x+1,y,z-4           1.0000000000  0.0000000000  0.0000000000  219.6162155682 0.0000000000  1.0000000000  0.0000000000  32.1888062259  0.0000000000  0.0000000000  1.0000000000  72.7702927934  
16  'crystal symmetry operation' 1_445  x-1,y-1,z           1.0000000000  0.0000000000  0.0000000000  10.1363788056  0.0000000000  1.0000000000  0.0000000000  -25.3659797692 0.0000000000  0.0000000000  1.0000000000  -31.1756859597 
17  'crystal symmetry operation' 1_444  x-1,y-1,z-1         1.0000000000  0.0000000000  0.0000000000  65.7448874998  0.0000000000  1.0000000000  0.0000000000  -13.6325521150 0.0000000000  0.0000000000  1.0000000000  -22.6421441226 
18  'crystal symmetry operation' 1_443  x-1,y-1,z-2         1.0000000000  0.0000000000  0.0000000000  121.3533961941 0.0000000000  1.0000000000  0.0000000000  -1.8991244608  0.0000000000  0.0000000000  1.0000000000  -14.1086022856 
19  'crystal symmetry operation' 1_442  x-1,y-1,z-3         1.0000000000  0.0000000000  0.0000000000  176.9619048883 0.0000000000  1.0000000000  0.0000000000  9.8343031934   0.0000000000  0.0000000000  1.0000000000  -5.5750604485  
20  'crystal symmetry operation' 1_441  x-1,y-1,z-4         1.0000000000  0.0000000000  0.0000000000  232.5704135826 0.0000000000  1.0000000000  0.0000000000  21.5677308477  0.0000000000  0.0000000000  1.0000000000  2.9584813886   
21  'crystal symmetry operation' 2_555  -y,x-y,z+1/3        0.9044017485  0.4249230081  0.0387029013  -9.5693827289  0.1677361622  -0.4374742853 0.8834482609  -36.4516943036 0.3923290166  -0.7925002757 -0.4669274632 -16.5337224993 
22  'crystal symmetry operation' 2_554  -y,x-y,z-2/3        0.9044017485  0.4249230081  0.0387029013  46.0391259653  0.1677361622  -0.4374742853 0.8834482609  -24.7182666494 0.3923290166  -0.7925002757 -0.4669274632 -8.0001806622  
23  'crystal symmetry operation' 2_553  -y,x-y,z-5/3        0.9044017485  0.4249230081  0.0387029013  101.6476346596 0.1677361622  -0.4374742853 0.8834482609  -12.9848389952 0.3923290166  -0.7925002757 -0.4669274632 0.5333611749   
24  'crystal symmetry operation' 2_552  -y,x-y,z-8/3        0.9044017485  0.4249230081  0.0387029013  157.2561433538 0.1677361622  -0.4374742853 0.8834482609  -1.2514113410  0.3923290166  -0.7925002757 -0.4669274632 9.0669030120   
25  'crystal symmetry operation' 2_551  -y,x-y,z-11/3       0.9044017485  0.4249230081  0.0387029013  212.8646520481 0.1677361622  -0.4374742853 0.8834482609  10.4820163133  0.3923290166  -0.7925002757 -0.4669274632 17.6004448491  
26  'crystal symmetry operation' 2_665  -y+1,x-y+1,z+1/3    0.9044017485  0.4249230081  0.0387029013  -19.7057615345 0.1677361622  -0.4374742853 0.8834482609  -11.0857145344 0.3923290166  -0.7925002757 -0.4669274632 14.6419634605  
27  'crystal symmetry operation' 2_664  -y+1,x-y+1,z-2/3    0.9044017485  0.4249230081  0.0387029013  35.9027471598  0.1677361622  -0.4374742853 0.8834482609  0.6477131198   0.3923290166  -0.7925002757 -0.4669274632 23.1755052975  
28  'crystal symmetry operation' 2_663  -y+1,x-y+1,z-5/3    0.9044017485  0.4249230081  0.0387029013  91.5112558540  0.1677361622  -0.4374742853 0.8834482609  12.3811407740  0.3923290166  -0.7925002757 -0.4669274632 31.7090471346  
29  'crystal symmetry operation' 2_662  -y+1,x-y+1,z-8/3    0.9044017485  0.4249230081  0.0387029013  147.1197645482 0.1677361622  -0.4374742853 0.8834482609  24.1145684283  0.3923290166  -0.7925002757 -0.4669274632 40.2425889717  
30  'crystal symmetry operation' 2_661  -y+1,x-y+1,z-11/3   0.9044017485  0.4249230081  0.0387029013  202.7282732425 0.1677361622  -0.4374742853 0.8834482609  35.8479960825  0.3923290166  -0.7925002757 -0.4669274632 48.7761308088  
31  'crystal symmetry operation' 2_565  -y,x-y+1,z+1/3      0.9044017485  0.4249230081  0.0387029013  -16.8879423258 0.1677361622  -0.4374742853 0.8834482609  3.6591898566   0.3923290166  -0.7925002757 -0.4669274632 -23.9941619846 
32  'crystal symmetry operation' 2_564  -y,x-y+1,z-2/3      0.9044017485  0.4249230081  0.0387029013  38.7205663685  0.1677361622  -0.4374742853 0.8834482609  15.3926175108  0.3923290166  -0.7925002757 -0.4669274632 -15.4606201475 
33  'crystal symmetry operation' 2_563  -y,x-y+1,z-5/3      0.9044017485  0.4249230081  0.0387029013  94.3290750627  0.1677361622  -0.4374742853 0.8834482609  27.1260451650  0.3923290166  -0.7925002757 -0.4669274632 -6.9270783105  
34  'crystal symmetry operation' 2_562  -y,x-y+1,z-8/3      0.9044017485  0.4249230081  0.0387029013  149.9375837570 0.1677361622  -0.4374742853 0.8834482609  38.8594728193  0.3923290166  -0.7925002757 -0.4669274632 1.6064635266   
35  'crystal symmetry operation' 2_561  -y,x-y+1,z-11/3     0.9044017485  0.4249230081  0.0387029013  205.5460924512 0.1677361622  -0.4374742853 0.8834482609  50.5929004735  0.3923290166  -0.7925002757 -0.4669274632 10.1400053637  
36  'crystal symmetry operation' 2_655  -y+1,x-y,z+1/3      0.9044017485  0.4249230081  0.0387029013  -12.3872019377 0.1677361622  -0.4374742853 0.8834482609  -51.1965986946 0.3923290166  -0.7925002757 -0.4669274632 22.1024029458  
37  'crystal symmetry operation' 2_654  -y+1,x-y,z-2/3      0.9044017485  0.4249230081  0.0387029013  43.2213067566  0.1677361622  -0.4374742853 0.8834482609  -39.4631710404 0.3923290166  -0.7925002757 -0.4669274632 30.6359447829  
38  'crystal symmetry operation' 2_653  -y+1,x-y,z-5/3      0.9044017485  0.4249230081  0.0387029013  98.8298154508  0.1677361622  -0.4374742853 0.8834482609  -27.7297433862 0.3923290166  -0.7925002757 -0.4669274632 39.1694866200  
39  'crystal symmetry operation' 2_652  -y+1,x-y,z-8/3      0.9044017485  0.4249230081  0.0387029013  154.4383241451 0.1677361622  -0.4374742853 0.8834482609  -15.9963157320 0.3923290166  -0.7925002757 -0.4669274632 47.7030284570  
40  'crystal symmetry operation' 2_651  -y+1,x-y,z-11/3     0.9044017485  0.4249230081  0.0387029013  210.0468328393 0.1677361622  -0.4374742853 0.8834482609  -4.2628880777  0.3923290166  -0.7925002757 -0.4669274632 56.2365702941  
41  'crystal symmetry operation' 3_555  -x+y,-x,z+2/3       0.9044017485  0.1677361622  0.3923290166  -34.3530158243 0.4249230081  -0.4374742853 -0.7925002757 -36.7168353109 0.0387029013  0.8834482609  -0.4669274632 16.3199578726  
42  'crystal symmetry operation' 3_554  -x+y,-x,z-1/3       0.9044017485  0.1677361622  0.3923290166  21.2554928700  0.4249230081  -0.4374742853 -0.7925002757 -24.9834076566 0.0387029013  0.8834482609  -0.4669274632 24.8534997096  
43  'crystal symmetry operation' 3_553  -x+y,-x,z-4/3       0.9044017485  0.1677361622  0.3923290166  76.8640015642  0.4249230081  -0.4374742853 -0.7925002757 -13.2499800024 0.0387029013  0.8834482609  -0.4669274632 33.3870415467  
44  'crystal symmetry operation' 3_552  -x+y,-x,z-7/3       0.9044017485  0.1677361622  0.3923290166  132.4725102585 0.4249230081  -0.4374742853 -0.7925002757 -1.5165523482  0.0387029013  0.8834482609  -0.4669274632 41.9205833838  
45  'crystal symmetry operation' 3_551  -x+y,-x,z-10/3      0.9044017485  0.1677361622  0.3923290166  188.0810189527 0.4249230081  -0.4374742853 -0.7925002757 10.2168753060  0.0387029013  0.8834482609  -0.4669274632 50.4541252209  
46  'crystal symmetry operation' 3_455  -x+y-1,-x,z+2/3     0.9044017485  0.1677361622  0.3923290166  -31.5351966155 0.4249230081  -0.4374742853 -0.7925002757 -21.9719309199 0.0387029013  0.8834482609  -0.4669274632 -22.3161675725 
47  'crystal symmetry operation' 3_454  -x+y-1,-x,z-1/3     0.9044017485  0.1677361622  0.3923290166  24.0733120787  0.4249230081  -0.4374742853 -0.7925002757 -10.2385032656 0.0387029013  0.8834482609  -0.4669274632 -13.7826257354 
48  'crystal symmetry operation' 3_453  -x+y-1,-x,z-4/3     0.9044017485  0.1677361622  0.3923290166  79.6818207730  0.4249230081  -0.4374742853 -0.7925002757 1.4949243886   0.0387029013  0.8834482609  -0.4669274632 -5.2490838984  
49  'crystal symmetry operation' 3_452  -x+y-1,-x,z-7/3     0.9044017485  0.1677361622  0.3923290166  135.2903294672 0.4249230081  -0.4374742853 -0.7925002757 13.2283520428  0.0387029013  0.8834482609  -0.4669274632 3.2844579387   
50  'crystal symmetry operation' 3_451  -x+y-1,-x,z-10/3    0.9044017485  0.1677361622  0.3923290166  190.8988381614 0.4249230081  -0.4374742853 -0.7925002757 24.9617796970  0.0387029013  0.8834482609  -0.4669274632 11.8179997758  
51  'crystal symmetry operation' 3_565  -x+y,-x+1,z+2/3     0.9044017485  0.1677361622  0.3923290166  -41.6715754211 0.4249230081  -0.4374742853 -0.7925002757 3.3940488494   0.0387029013  0.8834482609  -0.4669274632 8.8595183872   
52  'crystal symmetry operation' 3_564  -x+y,-x+1,z-1/3     0.9044017485  0.1677361622  0.3923290166  13.9369332731  0.4249230081  -0.4374742853 -0.7925002757 15.1274765036  0.0387029013  0.8834482609  -0.4669274632 17.3930602243  
53  'crystal symmetry operation' 3_563  -x+y,-x+1,z-4/3     0.9044017485  0.1677361622  0.3923290166  69.5454419674  0.4249230081  -0.4374742853 -0.7925002757 26.8609041578  0.0387029013  0.8834482609  -0.4669274632 25.9266020614  
54  'crystal symmetry operation' 3_562  -x+y,-x+1,z-7/3     0.9044017485  0.1677361622  0.3923290166  125.1539506616 0.4249230081  -0.4374742853 -0.7925002757 38.5943318120  0.0387029013  0.8834482609  -0.4669274632 34.4601438985  
55  'crystal symmetry operation' 3_561  -x+y,-x+1,z-10/3    0.9044017485  0.1677361622  0.3923290166  180.7624593559 0.4249230081  -0.4374742853 -0.7925002757 50.3277594663  0.0387029013  0.8834482609  -0.4669274632 42.9936857355  
56  'crystal symmetry operation' 4_555  -x,-y,z+1/2         0.8725356646  0.3951061136  0.2873546119  -20.0135142531 0.3951061136  -0.9166323804 0.0606319901  -46.8234484673 0.2873546119  0.0606319901  -0.9559032842 1.2797472217   
57  'crystal symmetry operation' 4_554  -x,-y,z-1/2         0.8725356646  0.3951061136  0.2873546119  35.5949944412  0.3951061136  -0.9166323804 0.0606319901  -35.0900208131 0.2873546119  0.0606319901  -0.9559032842 9.8132890588   
58  'crystal symmetry operation' 4_553  -x,-y,z-3/2         0.8725356646  0.3951061136  0.2873546119  91.2035031354  0.3951061136  -0.9166323804 0.0606319901  -23.3565931589 0.2873546119  0.0606319901  -0.9559032842 18.3468308959  
59  'crystal symmetry operation' 4_552  -x,-y,z-5/2         0.8725356646  0.3951061136  0.2873546119  146.8120118297 0.3951061136  -0.9166323804 0.0606319901  -11.6231655046 0.2873546119  0.0606319901  -0.9559032842 26.8803727329  
60  'crystal symmetry operation' 4_551  -x,-y,z-7/2         0.8725356646  0.3951061136  0.2873546119  202.4205205239 0.3951061136  -0.9166323804 0.0606319901  0.1102621496   0.2873546119  0.0606319901  -0.9559032842 35.4139145700  
61  'crystal symmetry operation' 4_455  -x-1,-y,z+1/2       0.8725356646  0.3951061136  0.2873546119  -17.1956950443 0.3951061136  -0.9166323804 0.0606319901  -32.0785440763 0.2873546119  0.0606319901  -0.9559032842 -37.3563782234 
62  'crystal symmetry operation' 4_454  -x-1,-y,z-1/2       0.8725356646  0.3951061136  0.2873546119  38.4128136499  0.3951061136  -0.9166323804 0.0606319901  -20.3451164221 0.2873546119  0.0606319901  -0.9559032842 -28.8228363863 
63  'crystal symmetry operation' 4_453  -x-1,-y,z-3/2       0.8725356646  0.3951061136  0.2873546119  94.0213223441  0.3951061136  -0.9166323804 0.0606319901  -8.6116887679  0.2873546119  0.0606319901  -0.9559032842 -20.2892945492 
64  'crystal symmetry operation' 4_452  -x-1,-y,z-5/2       0.8725356646  0.3951061136  0.2873546119  149.6298310384 0.3951061136  -0.9166323804 0.0606319901  3.1217388864   0.2873546119  0.0606319901  -0.9559032842 -11.7557527121 
65  'crystal symmetry operation' 4_451  -x-1,-y,z-7/2       0.8725356646  0.3951061136  0.2873546119  205.2383397326 0.3951061136  -0.9166323804 0.0606319901  14.8551665406  0.2873546119  0.0606319901  -0.9559032842 -3.2222108750  
66  'crystal symmetry operation' 4_665  -x+1,-y+1,z+1/2     0.8725356646  0.3951061136  0.2873546119  -30.1498930587 0.3951061136  -0.9166323804 0.0606319901  -21.4574686981 0.2873546119  0.0606319901  -0.9559032842 32.4554331814  
67  'crystal symmetry operation' 4_664  -x+1,-y+1,z-1/2     0.8725356646  0.3951061136  0.2873546119  25.4586156356  0.3951061136  -0.9166323804 0.0606319901  -9.7240410438  0.2873546119  0.0606319901  -0.9559032842 40.9889750185  
68  'crystal symmetry operation' 4_663  -x+1,-y+1,z-3/2     0.8725356646  0.3951061136  0.2873546119  81.0671243298  0.3951061136  -0.9166323804 0.0606319901  2.0093866104   0.2873546119  0.0606319901  -0.9559032842 49.5225168556  
69  'crystal symmetry operation' 4_662  -x+1,-y+1,z-5/2     0.8725356646  0.3951061136  0.2873546119  136.6756330241 0.3951061136  -0.9166323804 0.0606319901  13.7428142646  0.2873546119  0.0606319901  -0.9559032842 58.0560586927  
70  'crystal symmetry operation' 4_661  -x+1,-y+1,z-7/2     0.8725356646  0.3951061136  0.2873546119  192.2841417183 0.3951061136  -0.9166323804 0.0606319901  25.4762419188  0.2873546119  0.0606319901  -0.9559032842 66.5896005298  
71  'crystal symmetry operation' 5_555  y,-x+y,z+5/6        0.9681339162  -0.0298168945 0.2486517106  -47.5164706537 0.2273699513  0.5208419049  -0.8228162707 -18.1940392665 -0.1049744047 0.8531322658  0.5110241789  12.1244418296  
72  'crystal symmetry operation' 5_554  y,-x+y,z-1/6        0.9681339162  -0.0298168945 0.2486517106  8.0920380405   0.2273699513  0.5208419049  -0.8228162707 -6.4606116123  -0.1049744047 0.8531322658  0.5110241789  20.6579836667  
73  'crystal symmetry operation' 5_553  y,-x+y,z-7/6        0.9681339162  -0.0298168945 0.2486517106  63.7005467348  0.2273699513  0.5208419049  -0.8228162707 5.2728160420   -0.1049744047 0.8531322658  0.5110241789  29.1915255037  
74  'crystal symmetry operation' 5_552  y,-x+y,z-13/6       0.9681339162  -0.0298168945 0.2486517106  119.3090554290 0.2273699513  0.5208419049  -0.8228162707 17.0062436962  -0.1049744047 0.8531322658  0.5110241789  37.7250673408  
75  'crystal symmetry operation' 5_551  y,-x+y,z-19/6       0.9681339162  -0.0298168945 0.2486517106  174.9175641233 0.2273699513  0.5208419049  -0.8228162707 28.7396713504  -0.1049744047 0.8531322658  0.5110241789  46.2586091779  
76  'crystal symmetry operation' 5_445  y-1,-x+y-1,z+5/6    0.9681339162  -0.0298168945 0.2486517106  -37.3800918482 0.2273699513  0.5208419049  -0.8228162707 -43.5600190357 -0.1049744047 0.8531322658  0.5110241789  -19.0512441301 
77  'crystal symmetry operation' 5_444  y-1,-x+y-1,z-1/6    0.9681339162  -0.0298168945 0.2486517106  18.2284168461  0.2273699513  0.5208419049  -0.8228162707 -31.8265913815 -0.1049744047 0.8531322658  0.5110241789  -10.5177022931 
78  'crystal symmetry operation' 5_443  y-1,-x+y-1,z-7/6    0.9681339162  -0.0298168945 0.2486517106  73.8369255403  0.2273699513  0.5208419049  -0.8228162707 -20.0931637273 -0.1049744047 0.8531322658  0.5110241789  -1.9841604560  
79  'crystal symmetry operation' 5_442  y-1,-x+y-1,z-13/6   0.9681339162  -0.0298168945 0.2486517106  129.4454342346 0.2273699513  0.5208419049  -0.8228162707 -8.3597360731  -0.1049744047 0.8531322658  0.5110241789  6.5493813811   
80  'crystal symmetry operation' 5_441  y-1,-x+y-1,z-19/6   0.9681339162  -0.0298168945 0.2486517106  185.0539429288 0.2273699513  0.5208419049  -0.8228162707 3.3736915812   -0.1049744047 0.8531322658  0.5110241789  15.0829232182  
81  'crystal symmetry operation' 5_545  y,-x+y-1,z+5/6      0.9681339162  -0.0298168945 0.2486517106  -40.1979110569 0.2273699513  0.5208419049  -0.8228162707 -58.3049234267 -0.1049744047 0.8531322658  0.5110241789  19.5848813149  
82  'crystal symmetry operation' 5_544  y,-x+y-1,z-1/6      0.9681339162  -0.0298168945 0.2486517106  15.4105976374  0.2273699513  0.5208419049  -0.8228162707 -46.5714957725 -0.1049744047 0.8531322658  0.5110241789  28.1184231520  
83  'crystal symmetry operation' 5_543  y,-x+y-1,z-7/6      0.9681339162  -0.0298168945 0.2486517106  71.0191063316  0.2273699513  0.5208419049  -0.8228162707 -34.8380681183 -0.1049744047 0.8531322658  0.5110241789  36.6519649891  
84  'crystal symmetry operation' 5_542  y,-x+y-1,z-13/6     0.9681339162  -0.0298168945 0.2486517106  126.6276150258 0.2273699513  0.5208419049  -0.8228162707 -23.1046404641 -0.1049744047 0.8531322658  0.5110241789  45.1855068262  
85  'crystal symmetry operation' 5_541  y,-x+y-1,z-19/6     0.9681339162  -0.0298168945 0.2486517106  182.2361237201 0.2273699513  0.5208419049  -0.8228162707 -11.3712128098 -0.1049744047 0.8531322658  0.5110241789  53.7190486632  
86  'crystal symmetry operation' 5_455  y-1,-x+y,z+5/6      0.9681339162  -0.0298168945 0.2486517106  -44.6986514450 0.2273699513  0.5208419049  -0.8228162707 -3.4491348755  -0.1049744047 0.8531322658  0.5110241789  -26.5116836155 
87  'crystal symmetry operation' 5_454  y-1,-x+y,z-1/6      0.9681339162  -0.0298168945 0.2486517106  10.9098572493  0.2273699513  0.5208419049  -0.8228162707 8.2842927787   -0.1049744047 0.8531322658  0.5110241789  -17.9781417784 
88  'crystal symmetry operation' 5_453  y-1,-x+y,z-7/6      0.9681339162  -0.0298168945 0.2486517106  66.5183659435  0.2273699513  0.5208419049  -0.8228162707 20.0177204330  -0.1049744047 0.8531322658  0.5110241789  -9.4445999413  
89  'crystal symmetry operation' 5_452  y-1,-x+y,z-13/6     0.9681339162  -0.0298168945 0.2486517106  122.1268746377 0.2273699513  0.5208419049  -0.8228162707 31.7511480872  -0.1049744047 0.8531322658  0.5110241789  -0.9110581043  
90  'crystal symmetry operation' 5_451  y-1,-x+y,z-19/6     0.9681339162  -0.0298168945 0.2486517106  177.7353833320 0.2273699513  0.5208419049  -0.8228162707 43.4845757414  -0.1049744047 0.8531322658  0.5110241789  7.6224837328   
91  'crystal symmetry operation' 6_555  x-y,x,z+1/6         0.9681339162  0.2273699513  -0.1049744047 -4.1966679935  -0.0298168945 0.5208419049  0.8531322658  -14.0177557078 0.2486517106  -0.8228162707 0.5110241789  -17.8847245965 
92  'crystal symmetry operation' 6_554  x-y,x,z-5/6         0.9681339162  0.2273699513  -0.1049744047 51.4118407007  -0.0298168945 0.5208419049  0.8531322658  -2.2843280536  0.2486517106  -0.8228162707 0.5110241789  -9.3511827595  
93  'crystal symmetry operation' 6_553  x-y,x,z-11/6        0.9681339162  0.2273699513  -0.1049744047 107.0203493950 -0.0298168945 0.5208419049  0.8531322658  9.4490996006   0.2486517106  -0.8228162707 0.5110241789  -0.8176409224  
94  'crystal symmetry operation' 6_552  x-y,x,z-17/6        0.9681339162  0.2273699513  -0.1049744047 162.6288580892 -0.0298168945 0.5208419049  0.8531322658  21.1825272548  0.2486517106  -0.8228162707 0.5110241789  7.7159009147   
95  'crystal symmetry operation' 6_551  x-y,x,z-23/6        0.9681339162  0.2273699513  -0.1049744047 218.2373667835 -0.0298168945 0.5208419049  0.8531322658  32.9159549091  0.2486517106  -0.8228162707 0.5110241789  16.2494427518  
96  'crystal symmetry operation' 6_655  x-y+1,x,z+1/6       0.9681339162  0.2273699513  -0.1049744047 -7.0144872022  -0.0298168945 0.5208419049  0.8531322658  -28.7626600988 0.2486517106  -0.8228162707 0.5110241789  20.7514008485  
97  'crystal symmetry operation' 6_654  x-y+1,x,z-5/6       0.9681339162  0.2273699513  -0.1049744047 48.5940214920  -0.0298168945 0.5208419049  0.8531322658  -17.0292324446 0.2486517106  -0.8228162707 0.5110241789  29.2849426856  
98  'crystal symmetry operation' 6_653  x-y+1,x,z-11/6      0.9681339162  0.2273699513  -0.1049744047 104.2025301863 -0.0298168945 0.5208419049  0.8531322658  -5.2958047904  0.2486517106  -0.8228162707 0.5110241789  37.8184845227  
99  'crystal symmetry operation' 6_652  x-y+1,x,z-17/6      0.9681339162  0.2273699513  -0.1049744047 159.8110388805 -0.0298168945 0.5208419049  0.8531322658  6.4376228638   0.2486517106  -0.8228162707 0.5110241789  46.3520263598  
100 'crystal symmetry operation' 6_651  x-y+1,x,z-23/6      0.9681339162  0.2273699513  -0.1049744047 215.4195475747 -0.0298168945 0.5208419049  0.8531322658  18.1710505181  0.2486517106  -0.8228162707 0.5110241789  54.8855681969  
101 'crystal symmetry operation' 6_665  x-y+1,x+1,z+1/6     0.9681339162  0.2273699513  -0.1049744047 -14.3330467991 -0.0298168945 0.5208419049  0.8531322658  11.3482240614  0.2486517106  -0.8228162707 0.5110241789  13.2909613632  
102 'crystal symmetry operation' 6_664  x-y+1,x+1,z-5/6     0.9681339162  0.2273699513  -0.1049744047 41.2754618952  -0.0298168945 0.5208419049  0.8531322658  23.0816517156  0.2486517106  -0.8228162707 0.5110241789  21.8245032003  
103 'crystal symmetry operation' 6_663  x-y+1,x+1,z-11/6    0.9681339162  0.2273699513  -0.1049744047 96.8839705894  -0.0298168945 0.5208419049  0.8531322658  34.8150793699  0.2486517106  -0.8228162707 0.5110241789  30.3580450373  
104 'crystal symmetry operation' 6_662  x-y+1,x+1,z-17/6    0.9681339162  0.2273699513  -0.1049744047 152.4924792837 -0.0298168945 0.5208419049  0.8531322658  46.5485070241  0.2486517106  -0.8228162707 0.5110241789  38.8915868744  
105 'crystal symmetry operation' 6_661  x-y+1,x+1,z-23/6    0.9681339162  0.2273699513  -0.1049744047 208.1009879779 -0.0298168945 0.5208419049  0.8531322658  58.2819346783  0.2486517106  -0.8228162707 0.5110241789  47.4251287115  
106 'crystal symmetry operation' 6_545  x-y,x-1,z+1/6       0.9681339162  0.2273699513  -0.1049744047 3.1218916033   -0.0298168945 0.5208419049  0.8531322658  -54.1286398681 0.2486517106  -0.8228162707 0.5110241789  -10.4242851112 
107 'crystal symmetry operation' 6_544  x-y,x-1,z-5/6       0.9681339162  0.2273699513  -0.1049744047 58.7304002976  -0.0298168945 0.5208419049  0.8531322658  -42.3952122138 0.2486517106  -0.8228162707 0.5110241789  -1.8907432741  
108 'crystal symmetry operation' 6_543  x-y,x-1,z-11/6      0.9681339162  0.2273699513  -0.1049744047 114.3389089918 -0.0298168945 0.5208419049  0.8531322658  -30.6617845596 0.2486517106  -0.8228162707 0.5110241789  6.6427985630   
109 'crystal symmetry operation' 6_542  x-y,x-1,z-17/6      0.9681339162  0.2273699513  -0.1049744047 169.9474176861 -0.0298168945 0.5208419049  0.8531322658  -18.9283569054 0.2486517106  -0.8228162707 0.5110241789  15.1763404000  
110 'crystal symmetry operation' 6_541  x-y,x-1,z-23/6      0.9681339162  0.2273699513  -0.1049744047 225.5559263803 -0.0298168945 0.5208419049  0.8531322658  -7.1949292512  0.2486517106  -0.8228162707 0.5110241789  23.7098822371  
111 'crystal symmetry operation' 7_555  y,x,-z+1/3          -0.8803957560 -0.2993059840 -0.3678576364 -15.9121989819 -0.2993059840 -0.2509958752 0.9205525507  -30.8303742488 -0.3678576364 0.9205525507  0.1313916313  19.9113685507  
112 'crystal symmetry operation' 7_554  y,x,-z-2/3          -0.8803957560 -0.2993059840 -0.3678576364 39.6963097124  -0.2993059840 -0.2509958752 0.9205525507  -19.0969465946 -0.3678576364 0.9205525507  0.1313916313  28.4449103878  
113 'crystal symmetry operation' 7_553  y,x,-z-5/3          -0.8803957560 -0.2993059840 -0.3678576364 95.3048184066  -0.2993059840 -0.2509958752 0.9205525507  -7.3635189404  -0.3678576364 0.9205525507  0.1313916313  36.9784522248  
114 'crystal symmetry operation' 7_552  y,x,-z-8/3          -0.8803957560 -0.2993059840 -0.3678576364 150.9133271009 -0.2993059840 -0.2509958752 0.9205525507  4.3699087138   -0.3678576364 0.9205525507  0.1313916313  45.5119940619  
115 'crystal symmetry operation' 7_551  y,x,-z-11/3         -0.8803957560 -0.2993059840 -0.3678576364 206.5218357951 -0.2993059840 -0.2509958752 0.9205525507  16.1033363681  -0.3678576364 0.9205525507  0.1313916313  54.0455358990  
116 'crystal symmetry operation' 7_455  y-1,x,-z+1/3        -0.8803957560 -0.2993059840 -0.3678576364 -13.0943797731 -0.2993059840 -0.2509958752 0.9205525507  -16.0854698578 -0.3678576364 0.9205525507  0.1313916313  -18.7247568944 
117 'crystal symmetry operation' 7_454  y-1,x,-z-2/3        -0.8803957560 -0.2993059840 -0.3678576364 42.5141289211  -0.2993059840 -0.2509958752 0.9205525507  -4.3520422036  -0.3678576364 0.9205525507  0.1313916313  -10.1912150573 
118 'crystal symmetry operation' 7_453  y-1,x,-z-5/3        -0.8803957560 -0.2993059840 -0.3678576364 98.1226376154  -0.2993059840 -0.2509958752 0.9205525507  7.3813854506   -0.3678576364 0.9205525507  0.1313916313  -1.6576732202  
119 'crystal symmetry operation' 7_452  y-1,x,-z-8/3        -0.8803957560 -0.2993059840 -0.3678576364 153.7311463096 -0.2993059840 -0.2509958752 0.9205525507  19.1148131048  -0.3678576364 0.9205525507  0.1313916313  6.8758686168   
120 'crystal symmetry operation' 7_451  y-1,x,-z-11/3       -0.8803957560 -0.2993059840 -0.3678576364 209.3396550038 -0.2993059840 -0.2509958752 0.9205525507  30.8482407591  -0.3678576364 0.9205525507  0.1313916313  15.4094104539  
121 'crystal symmetry operation' 7_565  y,x+1,-z+1/3        -0.8803957560 -0.2993059840 -0.3678576364 -23.2307585787 -0.2993059840 -0.2509958752 0.9205525507  9.2805099114   -0.3678576364 0.9205525507  0.1313916313  12.4509290653  
122 'crystal symmetry operation' 7_564  y,x+1,-z-2/3        -0.8803957560 -0.2993059840 -0.3678576364 32.3777501155  -0.2993059840 -0.2509958752 0.9205525507  21.0139375656  -0.3678576364 0.9205525507  0.1313916313  20.9844709024  
123 'crystal symmetry operation' 7_563  y,x+1,-z-5/3        -0.8803957560 -0.2993059840 -0.3678576364 87.9862588098  -0.2993059840 -0.2509958752 0.9205525507  32.7473652198  -0.3678576364 0.9205525507  0.1313916313  29.5180127395  
124 'crystal symmetry operation' 7_562  y,x+1,-z-8/3        -0.8803957560 -0.2993059840 -0.3678576364 143.5947675040 -0.2993059840 -0.2509958752 0.9205525507  44.4807928741  -0.3678576364 0.9205525507  0.1313916313  38.0515545766  
125 'crystal symmetry operation' 7_561  y,x+1,-z-11/3       -0.8803957560 -0.2993059840 -0.3678576364 199.2032761983 -0.2993059840 -0.2509958752 0.9205525507  56.2142205283  -0.3678576364 0.9205525507  0.1313916313  46.5850964136  
126 'crystal symmetry operation' 7_445  y-1,x-1,-z+1/3      -0.8803957560 -0.2993059840 -0.3678576364 -5.7758201763  -0.2993059840 -0.2509958752 0.9205525507  -56.1963540181 -0.3678576364 0.9205525507  0.1313916313  -11.2643174090 
127 'crystal symmetry operation' 7_444  y-1,x-1,-z-2/3      -0.8803957560 -0.2993059840 -0.3678576364 49.8326885179  -0.2993059840 -0.2509958752 0.9205525507  -44.4629263638 -0.3678576364 0.9205525507  0.1313916313  -2.7307755720  
128 'crystal symmetry operation' 7_443  y-1,x-1,-z-5/3      -0.8803957560 -0.2993059840 -0.3678576364 105.4411972122 -0.2993059840 -0.2509958752 0.9205525507  -32.7294987096 -0.3678576364 0.9205525507  0.1313916313  5.8027662651   
129 'crystal symmetry operation' 7_442  y-1,x-1,-z-8/3      -0.8803957560 -0.2993059840 -0.3678576364 161.0497059064 -0.2993059840 -0.2509958752 0.9205525507  -20.9960710554 -0.3678576364 0.9205525507  0.1313916313  14.3363081022  
130 'crystal symmetry operation' 7_441  y-1,x-1,-z-11/3     -0.8803957560 -0.2993059840 -0.3678576364 216.6582146007 -0.2993059840 -0.2509958752 0.9205525507  -9.2626434012  -0.3678576364 0.9205525507  0.1313916313  22.8698499393  
131 'crystal symmetry operation' 8_555  x-y,-y,-z           -0.9907571229 0.0483655368  -0.1267323881 9.5049112738   0.0483655368  -0.7469159081 -0.6631571466 -34.0371362380 -0.1267323881 -0.6631571466 0.7376730310  -12.2965538738 
132 'crystal symmetry operation' 8_554  x-y,-y,-z-1         -0.9907571229 0.0483655368  -0.1267323881 65.1134199680  0.0483655368  -0.7469159081 -0.6631571466 -22.3037085838 -0.1267323881 -0.6631571466 0.7376730310  -3.7630120367  
133 'crystal symmetry operation' 8_553  x-y,-y,-z-2         -0.9907571229 0.0483655368  -0.1267323881 120.7219286623 0.0483655368  -0.7469159081 -0.6631571466 -10.5702809296 -0.1267323881 -0.6631571466 0.7376730310  4.7705298004   
134 'crystal symmetry operation' 8_552  x-y,-y,-z-3         -0.9907571229 0.0483655368  -0.1267323881 176.3304373565 0.0483655368  -0.7469159081 -0.6631571466 1.1631467247   -0.1267323881 -0.6631571466 0.7376730310  13.3040716375  
135 'crystal symmetry operation' 8_551  x-y,-y,-z-4         -0.9907571229 0.0483655368  -0.1267323881 231.9389460508 0.0483655368  -0.7469159081 -0.6631571466 12.8965743789  -0.1267323881 -0.6631571466 0.7376730310  21.8376134746  
136 'crystal symmetry operation' 8_665  x-y+1,-y+1,-z       -0.9907571229 0.0483655368  -0.1267323881 -0.6314675318  0.0483655368  -0.7469159081 -0.6631571466 -8.6711564688  -0.1267323881 -0.6631571466 0.7376730310  18.8791320860  
137 'crystal symmetry operation' 8_664  x-y+1,-y+1,-z-1     -0.9907571229 0.0483655368  -0.1267323881 54.9770411625  0.0483655368  -0.7469159081 -0.6631571466 3.0622711854   -0.1267323881 -0.6631571466 0.7376730310  27.4126739230  
138 'crystal symmetry operation' 8_663  x-y+1,-y+1,-z-2     -0.9907571229 0.0483655368  -0.1267323881 110.5855498567 0.0483655368  -0.7469159081 -0.6631571466 14.7956988397  -0.1267323881 -0.6631571466 0.7376730310  35.9462157601  
139 'crystal symmetry operation' 8_662  x-y+1,-y+1,-z-3     -0.9907571229 0.0483655368  -0.1267323881 166.1940585509 0.0483655368  -0.7469159081 -0.6631571466 26.5291264939  -0.1267323881 -0.6631571466 0.7376730310  44.4797575972  
140 'crystal symmetry operation' 8_661  x-y+1,-y+1,-z-4     -0.9907571229 0.0483655368  -0.1267323881 221.8025672452 0.0483655368  -0.7469159081 -0.6631571466 38.2625541481  -0.1267323881 -0.6631571466 0.7376730310  53.0132994343  
141 'crystal symmetry operation' 8_655  x-y+1,-y,-z         -0.9907571229 0.0483655368  -0.1267323881 6.6870920650   0.0483655368  -0.7469159081 -0.6631571466 -48.7820406290 -0.1267323881 -0.6631571466 0.7376730310  26.3395715713  
142 'crystal symmetry operation' 8_654  x-y+1,-y,-z-1       -0.9907571229 0.0483655368  -0.1267323881 62.2956007593  0.0483655368  -0.7469159081 -0.6631571466 -37.0486129748 -0.1267323881 -0.6631571466 0.7376730310  34.8731134084  
143 'crystal symmetry operation' 8_653  x-y+1,-y,-z-2       -0.9907571229 0.0483655368  -0.1267323881 117.9041094535 0.0483655368  -0.7469159081 -0.6631571466 -25.3151853206 -0.1267323881 -0.6631571466 0.7376730310  43.4066552455  
144 'crystal symmetry operation' 8_652  x-y+1,-y,-z-3       -0.9907571229 0.0483655368  -0.1267323881 173.5126181478 0.0483655368  -0.7469159081 -0.6631571466 -13.5817576663 -0.1267323881 -0.6631571466 0.7376730310  51.9401970826  
145 'crystal symmetry operation' 8_651  x-y+1,-y,-z-4       -0.9907571229 0.0483655368  -0.1267323881 229.1211268420 0.0483655368  -0.7469159081 -0.6631571466 -1.8483300121  -0.1267323881 -0.6631571466 0.7376730310  60.4737389196  
146 'crystal symmetry operation' 8_565  x-y,-y+1,-z         -0.9907571229 0.0483655368  -0.1267323881 2.1863516769   0.0483655368  -0.7469159081 -0.6631571466 6.0737479222   -0.1267323881 -0.6631571466 0.7376730310  -19.7569933591 
147 'crystal symmetry operation' 8_564  x-y,-y+1,-z-1       -0.9907571229 0.0483655368  -0.1267323881 57.7948603712  0.0483655368  -0.7469159081 -0.6631571466 17.8071755764  -0.1267323881 -0.6631571466 0.7376730310  -11.2234515220 
148 'crystal symmetry operation' 8_563  x-y,-y+1,-z-2       -0.9907571229 0.0483655368  -0.1267323881 113.4033690654 0.0483655368  -0.7469159081 -0.6631571466 29.5406032307  -0.1267323881 -0.6631571466 0.7376730310  -2.6899096849  
149 'crystal symmetry operation' 8_562  x-y,-y+1,-z-3       -0.9907571229 0.0483655368  -0.1267323881 169.0118777597 0.0483655368  -0.7469159081 -0.6631571466 41.2740308849  -0.1267323881 -0.6631571466 0.7376730310  5.8436321521   
150 'crystal symmetry operation' 8_561  x-y,-y+1,-z-4       -0.9907571229 0.0483655368  -0.1267323881 224.6203864539 0.0483655368  -0.7469159081 -0.6631571466 53.0074585391  -0.1267323881 -0.6631571466 0.7376730310  14.3771739892  
151 'crystal symmetry operation' 9_555  -x,-x+y,-z+2/3      -0.9376506180 -0.3417187231 0.0635581067  -36.2903109442 -0.3417187231 0.8728603539  -0.3483433893 -8.0425856367  0.0635581067  -0.3483433893 -0.9352097360 -7.6406245923  
152 'crystal symmetry operation' 9_554  -x,-x+y,-z-1/3      -0.9376506180 -0.3417187231 0.0635581067  19.3181977501  -0.3417187231 0.8728603539  -0.3483433893 3.6908420175   0.0635581067  -0.3483433893 -0.9352097360 0.8929172447   
153 'crystal symmetry operation' 9_553  -x,-x+y,-z-4/3      -0.9376506180 -0.3417187231 0.0635581067  74.9267064443  -0.3417187231 0.8728603539  -0.3483433893 15.4242696717  0.0635581067  -0.3483433893 -0.9352097360 9.4264590818   
154 'crystal symmetry operation' 9_552  -x,-x+y,-z-7/3      -0.9376506180 -0.3417187231 0.0635581067  130.5352151385 -0.3417187231 0.8728603539  -0.3483433893 27.1576973260  0.0635581067  -0.3483433893 -0.9352097360 17.9600009189  
155 'crystal symmetry operation' 9_551  -x,-x+y,-z-10/3     -0.9376506180 -0.3417187231 0.0635581067  186.1437238328 -0.3417187231 0.8728603539  -0.3483433893 38.8911249802  0.0635581067  -0.3483433893 -0.9352097360 26.4935427560  
156 'crystal symmetry operation' 9_545  -x,-x+y-1,-z+2/3    -0.9376506180 -0.3417187231 0.0635581067  -28.9717513474 -0.3417187231 0.8728603539  -0.3483433893 -48.1534697969 0.0635581067  -0.3483433893 -0.9352097360 -0.1801851070  
157 'crystal symmetry operation' 9_544  -x,-x+y-1,-z-1/3    -0.9376506180 -0.3417187231 0.0635581067  26.6367573469  -0.3417187231 0.8728603539  -0.3483433893 -36.4200421427 0.0635581067  -0.3483433893 -0.9352097360 8.3533567301   
158 'crystal symmetry operation' 9_543  -x,-x+y-1,-z-4/3    -0.9376506180 -0.3417187231 0.0635581067  82.2452660411  -0.3417187231 0.8728603539  -0.3483433893 -24.6866144885 0.0635581067  -0.3483433893 -0.9352097360 16.8868985672  
159 'crystal symmetry operation' 9_542  -x,-x+y-1,-z-7/3    -0.9376506180 -0.3417187231 0.0635581067  137.8537747354 -0.3417187231 0.8728603539  -0.3483433893 -12.9531868343 0.0635581067  -0.3483433893 -0.9352097360 25.4204404042  
160 'crystal symmetry operation' 9_541  -x,-x+y-1,-z-10/3   -0.9376506180 -0.3417187231 0.0635581067  193.4622834296 -0.3417187231 0.8728603539  -0.3483433893 -1.2197591800  0.0635581067  -0.3483433893 -0.9352097360 33.9539822413  
161 'crystal symmetry operation' 9_445  -x-1,-x+y-1,-z+2/3  -0.9376506180 -0.3417187231 0.0635581067  -26.1539321386 -0.3417187231 0.8728603539  -0.3483433893 -33.4085654059 0.0635581067  -0.3483433893 -0.9352097360 -38.8163105521 
162 'crystal symmetry operation' 9_444  -x-1,-x+y-1,-z-1/3  -0.9376506180 -0.3417187231 0.0635581067  29.4545765556  -0.3417187231 0.8728603539  -0.3483433893 -21.6751377517 0.0635581067  -0.3483433893 -0.9352097360 -30.2827687150 
163 'crystal symmetry operation' 9_443  -x-1,-x+y-1,-z-4/3  -0.9376506180 -0.3417187231 0.0635581067  85.0630852499  -0.3417187231 0.8728603539  -0.3483433893 -9.9417100975  0.0635581067  -0.3483433893 -0.9352097360 -21.7492268779 
164 'crystal symmetry operation' 9_442  -x-1,-x+y-1,-z-7/3  -0.9376506180 -0.3417187231 0.0635581067  140.6715939441 -0.3417187231 0.8728603539  -0.3483433893 1.7917175567   0.0635581067  -0.3483433893 -0.9352097360 -13.2156850408 
165 'crystal symmetry operation' 9_441  -x-1,-x+y-1,-z-10/3 -0.9376506180 -0.3417187231 0.0635581067  196.2801026384 -0.3417187231 0.8728603539  -0.3483433893 13.5251452110  0.0635581067  -0.3483433893 -0.9352097360 -4.6821432038  
166 'crystal symmetry operation' 9_655  -x+1,-x+y,-z+2/3    -0.9376506180 -0.3417187231 0.0635581067  -39.1081301529 -0.3417187231 0.8728603539  -0.3483433893 -22.7874900277 0.0635581067  -0.3483433893 -0.9352097360 30.9955008527  
167 'crystal symmetry operation' 9_654  -x+1,-x+y,-z-1/3    -0.9376506180 -0.3417187231 0.0635581067  16.5003785413  -0.3417187231 0.8728603539  -0.3483433893 -11.0540623735 0.0635581067  -0.3483433893 -0.9352097360 39.5290426898  
168 'crystal symmetry operation' 9_653  -x+1,-x+y,-z-4/3    -0.9376506180 -0.3417187231 0.0635581067  72.1088872356  -0.3417187231 0.8728603539  -0.3483433893 0.6793652807   0.0635581067  -0.3483433893 -0.9352097360 48.0625845269  
169 'crystal symmetry operation' 9_652  -x+1,-x+y,-z-7/3    -0.9376506180 -0.3417187231 0.0635581067  127.7173959298 -0.3417187231 0.8728603539  -0.3483433893 12.4127929350  0.0635581067  -0.3483433893 -0.9352097360 56.5961263640  
170 'crystal symmetry operation' 9_651  -x+1,-x+y,-z-10/3   -0.9376506180 -0.3417187231 0.0635581067  183.3259046241 -0.3417187231 0.8728603539  -0.3483433893 24.1462205892  0.0635581067  -0.3483433893 -0.9352097360 65.1296682010  
171 'crystal symmetry operation' 10_555 -y,-x,-z+5/6        -0.9921399086 -0.0958001295 0.0805030245  -40.3571211335 -0.0958001295 0.1676282556  -0.9811845408 -23.6430703273 0.0805030245  -0.9811845408 -0.1754883470 -24.1953460795 
172 'crystal symmetry operation' 10_554 -y,-x,-z-1/6        -0.9921399086 -0.0958001295 0.0805030245  15.2513875607  -0.0958001295 0.1676282556  -0.9811845408 -11.9096426731 0.0805030245  -0.9811845408 -0.1754883470 -15.6618042424 
173 'crystal symmetry operation' 10_553 -y,-x,-z-7/6        -0.9921399086 -0.0958001295 0.0805030245  70.8598962550  -0.0958001295 0.1676282556  -0.9811845408 -0.1762150189  0.0805030245  -0.9811845408 -0.1754883470 -7.1282624053  
174 'crystal symmetry operation' 10_552 -y,-x,-z-13/6       -0.9921399086 -0.0958001295 0.0805030245  126.4684049492 -0.0958001295 0.1676282556  -0.9811845408 11.5572126353  0.0805030245  -0.9811845408 -0.1754883470 1.4052794317   
175 'crystal symmetry operation' 10_551 -y,-x,-z-19/6       -0.9921399086 -0.0958001295 0.0805030245  182.0769136435 -0.0958001295 0.1676282556  -0.9811845408 23.2906402896  0.0805030245  -0.9811845408 -0.1754883470 9.9388212688   
176 'crystal symmetry operation' 10_655 -y+1,-x,-z+5/6      -0.9921399086 -0.0958001295 0.0805030245  -43.1749403422 -0.0958001295 0.1676282556  -0.9811845408 -38.3879747183 0.0805030245  -0.9811845408 -0.1754883470 14.4407793656  
177 'crystal symmetry operation' 10_654 -y+1,-x,-z-1/6      -0.9921399086 -0.0958001295 0.0805030245  12.4335683520  -0.0958001295 0.1676282556  -0.9811845408 -26.6545470641 0.0805030245  -0.9811845408 -0.1754883470 22.9743212026  
178 'crystal symmetry operation' 10_653 -y+1,-x,-z-7/6      -0.9921399086 -0.0958001295 0.0805030245  68.0420770462  -0.0958001295 0.1676282556  -0.9811845408 -14.9211194099 0.0805030245  -0.9811845408 -0.1754883470 31.5078630397  
179 'crystal symmetry operation' 10_652 -y+1,-x,-z-13/6     -0.9921399086 -0.0958001295 0.0805030245  123.6505857405 -0.0958001295 0.1676282556  -0.9811845408 -3.1876917557  0.0805030245  -0.9811845408 -0.1754883470 40.0414048768  
180 'crystal symmetry operation' 10_651 -y+1,-x,-z-19/6     -0.9921399086 -0.0958001295 0.0805030245  179.2590944347 -0.0958001295 0.1676282556  -0.9811845408 8.5457358986   0.0805030245  -0.9811845408 -0.1754883470 48.5749467139  
181 'crystal symmetry operation' 10_665 -y+1,-x+1,-z+5/6    -0.9921399086 -0.0958001295 0.0805030245  -50.4934999391 -0.0958001295 0.1676282556  -0.9811845408 1.7229094419   0.0805030245  -0.9811845408 -0.1754883470 6.9803398802   
182 'crystal symmetry operation' 10_664 -y+1,-x+1,-z-1/6    -0.9921399086 -0.0958001295 0.0805030245  5.1150087552   -0.0958001295 0.1676282556  -0.9811845408 13.4563370961  0.0805030245  -0.9811845408 -0.1754883470 15.5138817173  
183 'crystal symmetry operation' 10_663 -y+1,-x+1,-z-7/6    -0.9921399086 -0.0958001295 0.0805030245  60.7235174494  -0.0958001295 0.1676282556  -0.9811845408 25.1897647504  0.0805030245  -0.9811845408 -0.1754883470 24.0474235544  
184 'crystal symmetry operation' 10_662 -y+1,-x+1,-z-13/6   -0.9921399086 -0.0958001295 0.0805030245  116.3320261437 -0.0958001295 0.1676282556  -0.9811845408 36.9231924046  0.0805030245  -0.9811845408 -0.1754883470 32.5809653915  
185 'crystal symmetry operation' 10_661 -y+1,-x+1,-z-19/6   -0.9921399086 -0.0958001295 0.0805030245  171.9405348379 -0.0958001295 0.1676282556  -0.9811845408 48.6566200588  0.0805030245  -0.9811845408 -0.1754883470 41.1145072285  
186 'crystal symmetry operation' 11_555 -x+y,y,-z+1/2       -0.8817785417 -0.4434716503 -0.1606222238 -28.7018922596 -0.4434716503 0.6635482885  0.6025251565  -12.6140232353 -0.1606222238 0.6025251565  -0.7817697468 13.7016042363  
187 'crystal symmetry operation' 11_554 -x+y,y,-z-1/2       -0.8817785417 -0.4434716503 -0.1606222238 26.9066164347  -0.4434716503 0.6635482885  0.6025251565  -0.8805955811  -0.1606222238 0.6025251565  -0.7817697468 22.2351460734  
188 'crystal symmetry operation' 11_553 -x+y,y,-z-3/2       -0.8817785417 -0.4434716503 -0.1606222238 82.5151251289  -0.4434716503 0.6635482885  0.6025251565  10.8528320731  -0.1606222238 0.6025251565  -0.7817697468 30.7686879105  
189 'crystal symmetry operation' 11_552 -x+y,y,-z-5/2       -0.8817785417 -0.4434716503 -0.1606222238 138.1236338231 -0.4434716503 0.6635482885  0.6025251565  22.5862597274  -0.1606222238 0.6025251565  -0.7817697468 39.3022297476  
190 'crystal symmetry operation' 11_551 -x+y,y,-z-7/2       -0.8817785417 -0.4434716503 -0.1606222238 193.7321425174 -0.4434716503 0.6635482885  0.6025251565  34.3196873816  -0.1606222238 0.6025251565  -0.7817697468 47.8357715846  
191 'crystal symmetry operation' 11_445 -x+y-1,y-1,-z+1/2   -0.8817785417 -0.4434716503 -0.1606222238 -18.5655134540 -0.4434716503 0.6635482885  0.6025251565  -37.9800030046 -0.1606222238 0.6025251565  -0.7817697468 -17.4740817234 
192 'crystal symmetry operation' 11_444 -x+y-1,y-1,-z-1/2   -0.8817785417 -0.4434716503 -0.1606222238 37.0429952402  -0.4434716503 0.6635482885  0.6025251565  -26.2465753503 -0.1606222238 0.6025251565  -0.7817697468 -8.9405398863  
193 'crystal symmetry operation' 11_443 -x+y-1,y-1,-z-3/2   -0.8817785417 -0.4434716503 -0.1606222238 92.6515039345  -0.4434716503 0.6635482885  0.6025251565  -14.5131476961 -0.1606222238 0.6025251565  -0.7817697468 -0.4069980492  
194 'crystal symmetry operation' 11_442 -x+y-1,y-1,-z-5/2   -0.8817785417 -0.4434716503 -0.1606222238 148.2600126287 -0.4434716503 0.6635482885  0.6025251565  -2.7797200419  -0.1606222238 0.6025251565  -0.7817697468 8.1265437878   
195 'crystal symmetry operation' 11_441 -x+y-1,y-1,-z-7/2   -0.8817785417 -0.4434716503 -0.1606222238 203.8685213230 -0.4434716503 0.6635482885  0.6025251565  8.9537076123   -0.1606222238 0.6025251565  -0.7817697468 16.6600856249  
196 'crystal symmetry operation' 11_455 -x+y-1,y,-z+1/2     -0.8817785417 -0.4434716503 -0.1606222238 -25.8840730509 -0.4434716503 0.6635482885  0.6025251565  2.1308811557   -0.1606222238 0.6025251565  -0.7817697468 -24.9345212087 
197 'crystal symmetry operation' 11_454 -x+y-1,y,-z-1/2     -0.8817785417 -0.4434716503 -0.1606222238 29.7244356434  -0.4434716503 0.6635482885  0.6025251565  13.8643088099  -0.1606222238 0.6025251565  -0.7817697468 -16.4009793717 
198 'crystal symmetry operation' 11_453 -x+y-1,y,-z-3/2     -0.8817785417 -0.4434716503 -0.1606222238 85.3329443376  -0.4434716503 0.6635482885  0.6025251565  25.5977364641  -0.1606222238 0.6025251565  -0.7817697468 -7.8674375346  
199 'crystal symmetry operation' 11_452 -x+y-1,y,-z-5/2     -0.8817785417 -0.4434716503 -0.1606222238 140.9414530319 -0.4434716503 0.6635482885  0.6025251565  37.3311641183  -0.1606222238 0.6025251565  -0.7817697468 0.6661043025   
200 'crystal symmetry operation' 11_451 -x+y-1,y,-z-7/2     -0.8817785417 -0.4434716503 -0.1606222238 196.5499617261 -0.4434716503 0.6635482885  0.6025251565  49.0645917726  -0.1606222238 0.6025251565  -0.7817697468 9.1996461396   
201 'crystal symmetry operation' 11_545 -x+y,y-1,-z+1/2     -0.8817785417 -0.4434716503 -0.1606222238 -21.3833326628 -0.4434716503 0.6635482885  0.6025251565  -52.7249073956 -0.1606222238 0.6025251565  -0.7817697468 21.1620437217  
202 'crystal symmetry operation' 11_544 -x+y,y-1,-z-1/2     -0.8817785417 -0.4434716503 -0.1606222238 34.2251760315  -0.4434716503 0.6635482885  0.6025251565  -40.9914797413 -0.1606222238 0.6025251565  -0.7817697468 29.6955855587  
203 'crystal symmetry operation' 11_543 -x+y,y-1,-z-3/2     -0.8817785417 -0.4434716503 -0.1606222238 89.8336847257  -0.4434716503 0.6635482885  0.6025251565  -29.2580520871 -0.1606222238 0.6025251565  -0.7817697468 38.2291273958  
204 'crystal symmetry operation' 11_542 -x+y,y-1,-z-5/2     -0.8817785417 -0.4434716503 -0.1606222238 145.4421934200 -0.4434716503 0.6635482885  0.6025251565  -17.5246244329 -0.1606222238 0.6025251565  -0.7817697468 46.7626692329  
205 'crystal symmetry operation' 11_541 -x+y,y-1,-z-7/2     -0.8817785417 -0.4434716503 -0.1606222238 201.0507021142 -0.4434716503 0.6635482885  0.6025251565  -5.7911967787  -0.1606222238 0.6025251565  -0.7817697468 55.2962110700  
206 'crystal symmetry operation' 12_555 x,x-y,-z+1/6        -0.9348850467 -0.0533873905 -0.3509127186 -1.4428396063  -0.0533873905 -0.9562279735 0.2877113992  -42.5197163880 -0.3509127186 0.2877113992  0.8911130202  6.2011610092   
207 'crystal symmetry operation' 12_554 x,x-y,-z-5/6        -0.9348850467 -0.0533873905 -0.3509127186 54.1656690879  -0.0533873905 -0.9562279735 0.2877113992  -30.7862887338 -0.3509127186 0.2877113992  0.8911130202  14.7347028463  
208 'crystal symmetry operation' 12_553 x,x-y,-z-11/6       -0.9348850467 -0.0533873905 -0.3509127186 109.7741777822 -0.0533873905 -0.9562279735 0.2877113992  -19.0528610796 -0.3509127186 0.2877113992  0.8911130202  23.2682446834  
209 'crystal symmetry operation' 12_552 x,x-y,-z-17/6       -0.9348850467 -0.0533873905 -0.3509127186 165.3826864764 -0.0533873905 -0.9562279735 0.2877113992  -7.3194334254  -0.3509127186 0.2877113992  0.8911130202  31.8017865205  
210 'crystal symmetry operation' 12_551 x,x-y,-z-23/6       -0.9348850467 -0.0533873905 -0.3509127186 220.9911951707 -0.0533873905 -0.9562279735 0.2877113992  4.4139942289   -0.3509127186 0.2877113992  0.8911130202  40.3353283575  
211 'crystal symmetry operation' 12_565 x,x-y+1,-z+1/6      -0.9348850467 -0.0533873905 -0.3509127186 -8.7613992031  -0.0533873905 -0.9562279735 0.2877113992  -2.4088322278  -0.3509127186 0.2877113992  0.8911130202  -1.2592784761  
212 'crystal symmetry operation' 12_564 x,x-y+1,-z-5/6      -0.9348850467 -0.0533873905 -0.3509127186 46.8471094911  -0.0533873905 -0.9562279735 0.2877113992  9.3245954264   -0.3509127186 0.2877113992  0.8911130202  7.2742633610   
213 'crystal symmetry operation' 12_563 x,x-y+1,-z-11/6     -0.9348850467 -0.0533873905 -0.3509127186 102.4556181853 -0.0533873905 -0.9562279735 0.2877113992  21.0580230807  -0.3509127186 0.2877113992  0.8911130202  15.8078051980  
214 'crystal symmetry operation' 12_562 x,x-y+1,-z-17/6     -0.9348850467 -0.0533873905 -0.3509127186 158.0641268796 -0.0533873905 -0.9562279735 0.2877113992  32.7914507349  -0.3509127186 0.2877113992  0.8911130202  24.3413470351  
215 'crystal symmetry operation' 12_561 x,x-y+1,-z-23/6     -0.9348850467 -0.0533873905 -0.3509127186 213.6726355738 -0.0533873905 -0.9562279735 0.2877113992  44.5248783891  -0.3509127186 0.2877113992  0.8911130202  32.8748888722  
216 'crystal symmetry operation' 12_665 x+1,x-y+1,-z+1/6    -0.9348850467 -0.0533873905 -0.3509127186 -11.5792184119 -0.0533873905 -0.9562279735 0.2877113992  -17.1537366188 -0.3509127186 0.2877113992  0.8911130202  37.3768469690  
217 'crystal symmetry operation' 12_664 x+1,x-y+1,-z-5/6    -0.9348850467 -0.0533873905 -0.3509127186 44.0292902824  -0.0533873905 -0.9562279735 0.2877113992  -5.4203089646  -0.3509127186 0.2877113992  0.8911130202  45.9103888060  
218 'crystal symmetry operation' 12_663 x+1,x-y+1,-z-11/6   -0.9348850467 -0.0533873905 -0.3509127186 99.6377989766  -0.0533873905 -0.9562279735 0.2877113992  6.3131186897   -0.3509127186 0.2877113992  0.8911130202  54.4439306431  
219 'crystal symmetry operation' 12_662 x+1,x-y+1,-z-17/6   -0.9348850467 -0.0533873905 -0.3509127186 155.2463076709 -0.0533873905 -0.9562279735 0.2877113992  18.0465463439  -0.3509127186 0.2877113992  0.8911130202  62.9774724802  
220 'crystal symmetry operation' 12_661 x+1,x-y+1,-z-23/6   -0.9348850467 -0.0533873905 -0.3509127186 210.8548163651 -0.0533873905 -0.9562279735 0.2877113992  29.7799739981  -0.3509127186 0.2877113992  0.8911130202  71.5110143173  
221 'crystal symmetry operation' 12_455 x-1,x-y,-z+1/6      -0.9348850467 -0.0533873905 -0.3509127186 1.3749796024   -0.0533873905 -0.9562279735 0.2877113992  -27.7748119970 -0.3509127186 0.2877113992  0.8911130202  -32.4349644358 
222 'crystal symmetry operation' 12_454 x-1,x-y,-z-5/6      -0.9348850467 -0.0533873905 -0.3509127186 56.9834882967  -0.0533873905 -0.9562279735 0.2877113992  -16.0413843428 -0.3509127186 0.2877113992  0.8911130202  -23.9014225988 
223 'crystal symmetry operation' 12_453 x-1,x-y,-z-11/6     -0.9348850467 -0.0533873905 -0.3509127186 112.5919969909 -0.0533873905 -0.9562279735 0.2877113992  -4.3079566886  -0.3509127186 0.2877113992  0.8911130202  -15.3678807617 
224 'crystal symmetry operation' 12_452 x-1,x-y,-z-17/6     -0.9348850467 -0.0533873905 -0.3509127186 168.2005056852 -0.0533873905 -0.9562279735 0.2877113992  7.4254709656   -0.3509127186 0.2877113992  0.8911130202  -6.8343389246  
225 'crystal symmetry operation' 12_451 x-1,x-y,-z-23/6     -0.9348850467 -0.0533873905 -0.3509127186 223.8090143794 -0.0533873905 -0.9562279735 0.2877113992  19.1588986199  -0.3509127186 0.2877113992  0.8911130202  1.6992029125 
# 
loop_
_struct_conf.conf_type_id 
_struct_conf.id 
_struct_conf.pdbx_PDB_helix_id 
_struct_conf.beg_label_comp_id 
_struct_conf.beg_label_asym_id 
_struct_conf.beg_label_seq_id 
_struct_conf.pdbx_beg_PDB_ins_code 
_struct_conf.end_label_comp_id 
_struct_conf.end_label_asym_id 
_struct_conf.end_label_seq_id 
_struct_conf.pdbx_end_PDB_ins_code 
_struct_conf.beg_auth_comp_id 
_struct_conf.beg_auth_asym_id 
_struct_conf.beg_auth_seq_id 
_struct_conf.end_auth_comp_id 
_struct_conf.end_auth_asym_id 
_struct_conf.end_auth_seq_id 
_struct_conf.pdbx_PDB_helix_class 
_struct_conf.details 
_struct_conf.pdbx_PDB_helix_length 
HELX_P HELX_P1 AA1 PHE A 1 ? ARG A 13 ? PHE A 1 ARG A 13 1 ? 13 
HELX_P HELX_P2 AA2 LYS B 2 ? ARG B 13 ? LYS B 2 ARG B 13 1 ? 12 
# 
_struct_conf_type.id          HELX_P 
_struct_conf_type.criteria    ? 
_struct_conf_type.reference   ? 
# 
loop_
_pdbx_struct_special_symmetry.id 
_pdbx_struct_special_symmetry.PDB_model_num 
_pdbx_struct_special_symmetry.auth_asym_id 
_pdbx_struct_special_symmetry.auth_comp_id 
_pdbx_struct_special_symmetry.auth_seq_id 
_pdbx_struct_special_symmetry.PDB_ins_code 
_pdbx_struct_special_symmetry.label_asym_id 
_pdbx_struct_special_symmetry.label_comp_id 
_pdbx_struct_special_symmetry.label_seq_id 
1 1 A HOH 102 ? C HOH . 
2 1 A HOH 115 ? C HOH . 
# 
_pdbx_phasing_MR.entry_id                     6S6M 
_pdbx_phasing_MR.method_rotation              ? 
_pdbx_phasing_MR.method_translation           ? 
_pdbx_phasing_MR.model_details                ? 
_pdbx_phasing_MR.R_factor                     ? 
_pdbx_phasing_MR.R_rigid_body                 ? 
_pdbx_phasing_MR.correlation_coeff_Fo_to_Fc   ? 
_pdbx_phasing_MR.correlation_coeff_Io_to_Ic   ? 
_pdbx_phasing_MR.d_res_high_rotation          ? 
_pdbx_phasing_MR.d_res_low_rotation           ? 
_pdbx_phasing_MR.d_res_high_translation       ? 
_pdbx_phasing_MR.d_res_low_translation        ? 
_pdbx_phasing_MR.packing                      0.000 
_pdbx_phasing_MR.reflns_percent_rotation      ? 
_pdbx_phasing_MR.reflns_percent_translation   ? 
_pdbx_phasing_MR.sigma_F_rotation             ? 
_pdbx_phasing_MR.sigma_F_translation          ? 
_pdbx_phasing_MR.sigma_I_rotation             ? 
_pdbx_phasing_MR.sigma_I_translation          ? 
# 
_phasing.method   MR 
# 
loop_
_chem_comp_atom.comp_id 
_chem_comp_atom.atom_id 
_chem_comp_atom.type_symbol 
_chem_comp_atom.pdbx_aromatic_flag 
_chem_comp_atom.pdbx_stereo_config 
_chem_comp_atom.pdbx_ordinal 
ARG N    N N N 1   
ARG CA   C N S 2   
ARG C    C N N 3   
ARG O    O N N 4   
ARG CB   C N N 5   
ARG CG   C N N 6   
ARG CD   C N N 7   
ARG NE   N N N 8   
ARG CZ   C N N 9   
ARG NH1  N N N 10  
ARG NH2  N N N 11  
ARG OXT  O N N 12  
ARG H    H N N 13  
ARG H2   H N N 14  
ARG HA   H N N 15  
ARG HB2  H N N 16  
ARG HB3  H N N 17  
ARG HG2  H N N 18  
ARG HG3  H N N 19  
ARG HD2  H N N 20  
ARG HD3  H N N 21  
ARG HE   H N N 22  
ARG HH11 H N N 23  
ARG HH12 H N N 24  
ARG HH21 H N N 25  
ARG HH22 H N N 26  
ARG HXT  H N N 27  
ASP N    N N N 28  
ASP CA   C N S 29  
ASP C    C N N 30  
ASP O    O N N 31  
ASP CB   C N N 32  
ASP CG   C N N 33  
ASP OD1  O N N 34  
ASP OD2  O N N 35  
ASP OXT  O N N 36  
ASP H    H N N 37  
ASP H2   H N N 38  
ASP HA   H N N 39  
ASP HB2  H N N 40  
ASP HB3  H N N 41  
ASP HD2  H N N 42  
ASP HXT  H N N 43  
GLN N    N N N 44  
GLN CA   C N S 45  
GLN C    C N N 46  
GLN O    O N N 47  
GLN CB   C N N 48  
GLN CG   C N N 49  
GLN CD   C N N 50  
GLN OE1  O N N 51  
GLN NE2  N N N 52  
GLN OXT  O N N 53  
GLN H    H N N 54  
GLN H2   H N N 55  
GLN HA   H N N 56  
GLN HB2  H N N 57  
GLN HB3  H N N 58  
GLN HG2  H N N 59  
GLN HG3  H N N 60  
GLN HE21 H N N 61  
GLN HE22 H N N 62  
GLN HXT  H N N 63  
HOH O    O N N 64  
HOH H1   H N N 65  
HOH H2   H N N 66  
ILE N    N N N 67  
ILE CA   C N S 68  
ILE C    C N N 69  
ILE O    O N N 70  
ILE CB   C N S 71  
ILE CG1  C N N 72  
ILE CG2  C N N 73  
ILE CD1  C N N 74  
ILE OXT  O N N 75  
ILE H    H N N 76  
ILE H2   H N N 77  
ILE HA   H N N 78  
ILE HB   H N N 79  
ILE HG12 H N N 80  
ILE HG13 H N N 81  
ILE HG21 H N N 82  
ILE HG22 H N N 83  
ILE HG23 H N N 84  
ILE HD11 H N N 85  
ILE HD12 H N N 86  
ILE HD13 H N N 87  
ILE HXT  H N N 88  
LEU N    N N N 89  
LEU CA   C N S 90  
LEU C    C N N 91  
LEU O    O N N 92  
LEU CB   C N N 93  
LEU CG   C N N 94  
LEU CD1  C N N 95  
LEU CD2  C N N 96  
LEU OXT  O N N 97  
LEU H    H N N 98  
LEU H2   H N N 99  
LEU HA   H N N 100 
LEU HB2  H N N 101 
LEU HB3  H N N 102 
LEU HG   H N N 103 
LEU HD11 H N N 104 
LEU HD12 H N N 105 
LEU HD13 H N N 106 
LEU HD21 H N N 107 
LEU HD22 H N N 108 
LEU HD23 H N N 109 
LEU HXT  H N N 110 
LYS N    N N N 111 
LYS CA   C N S 112 
LYS C    C N N 113 
LYS O    O N N 114 
LYS CB   C N N 115 
LYS CG   C N N 116 
LYS CD   C N N 117 
LYS CE   C N N 118 
LYS NZ   N N N 119 
LYS OXT  O N N 120 
LYS H    H N N 121 
LYS H2   H N N 122 
LYS HA   H N N 123 
LYS HB2  H N N 124 
LYS HB3  H N N 125 
LYS HG2  H N N 126 
LYS HG3  H N N 127 
LYS HD2  H N N 128 
LYS HD3  H N N 129 
LYS HE2  H N N 130 
LYS HE3  H N N 131 
LYS HZ1  H N N 132 
LYS HZ2  H N N 133 
LYS HZ3  H N N 134 
LYS HXT  H N N 135 
PHE N    N N N 136 
PHE CA   C N S 137 
PHE C    C N N 138 
PHE O    O N N 139 
PHE CB   C N N 140 
PHE CG   C Y N 141 
PHE CD1  C Y N 142 
PHE CD2  C Y N 143 
PHE CE1  C Y N 144 
PHE CE2  C Y N 145 
PHE CZ   C Y N 146 
PHE OXT  O N N 147 
PHE H    H N N 148 
PHE H2   H N N 149 
PHE HA   H N N 150 
PHE HB2  H N N 151 
PHE HB3  H N N 152 
PHE HD1  H N N 153 
PHE HD2  H N N 154 
PHE HE1  H N N 155 
PHE HE2  H N N 156 
PHE HZ   H N N 157 
PHE HXT  H N N 158 
VAL N    N N N 159 
VAL CA   C N S 160 
VAL C    C N N 161 
VAL O    O N N 162 
VAL CB   C N N 163 
VAL CG1  C N N 164 
VAL CG2  C N N 165 
VAL OXT  O N N 166 
VAL H    H N N 167 
VAL H2   H N N 168 
VAL HA   H N N 169 
VAL HB   H N N 170 
VAL HG11 H N N 171 
VAL HG12 H N N 172 
VAL HG13 H N N 173 
VAL HG21 H N N 174 
VAL HG22 H N N 175 
VAL HG23 H N N 176 
VAL HXT  H N N 177 
# 
loop_
_chem_comp_bond.comp_id 
_chem_comp_bond.atom_id_1 
_chem_comp_bond.atom_id_2 
_chem_comp_bond.value_order 
_chem_comp_bond.pdbx_aromatic_flag 
_chem_comp_bond.pdbx_stereo_config 
_chem_comp_bond.pdbx_ordinal 
ARG N   CA   sing N N 1   
ARG N   H    sing N N 2   
ARG N   H2   sing N N 3   
ARG CA  C    sing N N 4   
ARG CA  CB   sing N N 5   
ARG CA  HA   sing N N 6   
ARG C   O    doub N N 7   
ARG C   OXT  sing N N 8   
ARG CB  CG   sing N N 9   
ARG CB  HB2  sing N N 10  
ARG CB  HB3  sing N N 11  
ARG CG  CD   sing N N 12  
ARG CG  HG2  sing N N 13  
ARG CG  HG3  sing N N 14  
ARG CD  NE   sing N N 15  
ARG CD  HD2  sing N N 16  
ARG CD  HD3  sing N N 17  
ARG NE  CZ   sing N N 18  
ARG NE  HE   sing N N 19  
ARG CZ  NH1  sing N N 20  
ARG CZ  NH2  doub N N 21  
ARG NH1 HH11 sing N N 22  
ARG NH1 HH12 sing N N 23  
ARG NH2 HH21 sing N N 24  
ARG NH2 HH22 sing N N 25  
ARG OXT HXT  sing N N 26  
ASP N   CA   sing N N 27  
ASP N   H    sing N N 28  
ASP N   H2   sing N N 29  
ASP CA  C    sing N N 30  
ASP CA  CB   sing N N 31  
ASP CA  HA   sing N N 32  
ASP C   O    doub N N 33  
ASP C   OXT  sing N N 34  
ASP CB  CG   sing N N 35  
ASP CB  HB2  sing N N 36  
ASP CB  HB3  sing N N 37  
ASP CG  OD1  doub N N 38  
ASP CG  OD2  sing N N 39  
ASP OD2 HD2  sing N N 40  
ASP OXT HXT  sing N N 41  
GLN N   CA   sing N N 42  
GLN N   H    sing N N 43  
GLN N   H2   sing N N 44  
GLN CA  C    sing N N 45  
GLN CA  CB   sing N N 46  
GLN CA  HA   sing N N 47  
GLN C   O    doub N N 48  
GLN C   OXT  sing N N 49  
GLN CB  CG   sing N N 50  
GLN CB  HB2  sing N N 51  
GLN CB  HB3  sing N N 52  
GLN CG  CD   sing N N 53  
GLN CG  HG2  sing N N 54  
GLN CG  HG3  sing N N 55  
GLN CD  OE1  doub N N 56  
GLN CD  NE2  sing N N 57  
GLN NE2 HE21 sing N N 58  
GLN NE2 HE22 sing N N 59  
GLN OXT HXT  sing N N 60  
HOH O   H1   sing N N 61  
HOH O   H2   sing N N 62  
ILE N   CA   sing N N 63  
ILE N   H    sing N N 64  
ILE N   H2   sing N N 65  
ILE CA  C    sing N N 66  
ILE CA  CB   sing N N 67  
ILE CA  HA   sing N N 68  
ILE C   O    doub N N 69  
ILE C   OXT  sing N N 70  
ILE CB  CG1  sing N N 71  
ILE CB  CG2  sing N N 72  
ILE CB  HB   sing N N 73  
ILE CG1 CD1  sing N N 74  
ILE CG1 HG12 sing N N 75  
ILE CG1 HG13 sing N N 76  
ILE CG2 HG21 sing N N 77  
ILE CG2 HG22 sing N N 78  
ILE CG2 HG23 sing N N 79  
ILE CD1 HD11 sing N N 80  
ILE CD1 HD12 sing N N 81  
ILE CD1 HD13 sing N N 82  
ILE OXT HXT  sing N N 83  
LEU N   CA   sing N N 84  
LEU N   H    sing N N 85  
LEU N   H2   sing N N 86  
LEU CA  C    sing N N 87  
LEU CA  CB   sing N N 88  
LEU CA  HA   sing N N 89  
LEU C   O    doub N N 90  
LEU C   OXT  sing N N 91  
LEU CB  CG   sing N N 92  
LEU CB  HB2  sing N N 93  
LEU CB  HB3  sing N N 94  
LEU CG  CD1  sing N N 95  
LEU CG  CD2  sing N N 96  
LEU CG  HG   sing N N 97  
LEU CD1 HD11 sing N N 98  
LEU CD1 HD12 sing N N 99  
LEU CD1 HD13 sing N N 100 
LEU CD2 HD21 sing N N 101 
LEU CD2 HD22 sing N N 102 
LEU CD2 HD23 sing N N 103 
LEU OXT HXT  sing N N 104 
LYS N   CA   sing N N 105 
LYS N   H    sing N N 106 
LYS N   H2   sing N N 107 
LYS CA  C    sing N N 108 
LYS CA  CB   sing N N 109 
LYS CA  HA   sing N N 110 
LYS C   O    doub N N 111 
LYS C   OXT  sing N N 112 
LYS CB  CG   sing N N 113 
LYS CB  HB2  sing N N 114 
LYS CB  HB3  sing N N 115 
LYS CG  CD   sing N N 116 
LYS CG  HG2  sing N N 117 
LYS CG  HG3  sing N N 118 
LYS CD  CE   sing N N 119 
LYS CD  HD2  sing N N 120 
LYS CD  HD3  sing N N 121 
LYS CE  NZ   sing N N 122 
LYS CE  HE2  sing N N 123 
LYS CE  HE3  sing N N 124 
LYS NZ  HZ1  sing N N 125 
LYS NZ  HZ2  sing N N 126 
LYS NZ  HZ3  sing N N 127 
LYS OXT HXT  sing N N 128 
PHE N   CA   sing N N 129 
PHE N   H    sing N N 130 
PHE N   H2   sing N N 131 
PHE CA  C    sing N N 132 
PHE CA  CB   sing N N 133 
PHE CA  HA   sing N N 134 
PHE C   O    doub N N 135 
PHE C   OXT  sing N N 136 
PHE CB  CG   sing N N 137 
PHE CB  HB2  sing N N 138 
PHE CB  HB3  sing N N 139 
PHE CG  CD1  doub Y N 140 
PHE CG  CD2  sing Y N 141 
PHE CD1 CE1  sing Y N 142 
PHE CD1 HD1  sing N N 143 
PHE CD2 CE2  doub Y N 144 
PHE CD2 HD2  sing N N 145 
PHE CE1 CZ   doub Y N 146 
PHE CE1 HE1  sing N N 147 
PHE CE2 CZ   sing Y N 148 
PHE CE2 HE2  sing N N 149 
PHE CZ  HZ   sing N N 150 
PHE OXT HXT  sing N N 151 
VAL N   CA   sing N N 152 
VAL N   H    sing N N 153 
VAL N   H2   sing N N 154 
VAL CA  C    sing N N 155 
VAL CA  CB   sing N N 156 
VAL CA  HA   sing N N 157 
VAL C   O    doub N N 158 
VAL C   OXT  sing N N 159 
VAL CB  CG1  sing N N 160 
VAL CB  CG2  sing N N 161 
VAL CB  HB   sing N N 162 
VAL CG1 HG11 sing N N 163 
VAL CG1 HG12 sing N N 164 
VAL CG1 HG13 sing N N 165 
VAL CG2 HG21 sing N N 166 
VAL CG2 HG22 sing N N 167 
VAL CG2 HG23 sing N N 168 
VAL OXT HXT  sing N N 169 
# 
_atom_sites.entry_id                    6S6M 
_atom_sites.Cartn_transf_matrix[1][1]   ? 
_atom_sites.Cartn_transf_matrix[1][2]   ? 
_atom_sites.Cartn_transf_matrix[1][3]   ? 
_atom_sites.Cartn_transf_matrix[2][1]   ? 
_atom_sites.Cartn_transf_matrix[2][2]   ? 
_atom_sites.Cartn_transf_matrix[2][3]   ? 
_atom_sites.Cartn_transf_matrix[3][1]   ? 
_atom_sites.Cartn_transf_matrix[3][2]   ? 
_atom_sites.Cartn_transf_matrix[3][3]   ? 
_atom_sites.Cartn_transf_vector[1]      ? 
_atom_sites.Cartn_transf_vector[2]      ? 
_atom_sites.Cartn_transf_vector[3]      ? 
_atom_sites.fract_transf_matrix[1][1]   -0.00502656 
_atom_sites.fract_transf_matrix[1][2]   0.00412155 
_atom_sites.fract_transf_matrix[1][3]   0.02708836 
_atom_sites.fract_transf_matrix[2][1]   -0.00677303 
_atom_sites.fract_transf_matrix[2][2]   0.02540696 
_atom_sites.fract_transf_matrix[2][3]   0.00920222 
_atom_sites.fract_transf_matrix[3][1]   -0.01683640 
_atom_sites.fract_transf_matrix[3][2]   -0.00355249 
_atom_sites.fract_transf_matrix[3][3]   -0.00258367 
_atom_sites.fract_transf_vector[1]      0.028860 
_atom_sites.fract_transf_vector[2]      0.521156 
_atom_sites.fract_transf_vector[3]      0.003671 
_atom_sites.solution_primary            ? 
_atom_sites.solution_secondary          ? 
_atom_sites.solution_hydrogens          ? 
_atom_sites.special_details             ? 
# 
loop_
_atom_type.symbol 
C 
N 
O 
# 
loop_
_atom_site.group_PDB 
_atom_site.id 
_atom_site.type_symbol 
_atom_site.label_atom_id 
_atom_site.label_alt_id 
_atom_site.label_comp_id 
_atom_site.label_asym_id 
_atom_site.label_entity_id 
_atom_site.label_seq_id 
_atom_site.pdbx_PDB_ins_code 
_atom_site.Cartn_x 
_atom_site.Cartn_y 
_atom_site.Cartn_z 
_atom_site.occupancy 
_atom_site.B_iso_or_equiv 
_atom_site.pdbx_formal_charge 
_atom_site.auth_seq_id 
_atom_site.auth_comp_id 
_atom_site.auth_asym_id 
_atom_site.auth_atom_id 
_atom_site.pdbx_PDB_model_num 
ATOM   1   N N   . PHE A 1 1  ? -2.803  -15.001 -2.282  1.00 26.99 ? 1   PHE A N   1 
ATOM   2   C CA  . PHE A 1 1  ? -3.065  -13.655 -1.692  1.00 24.59 ? 1   PHE A CA  1 
ATOM   3   C C   . PHE A 1 1  ? -1.755  -12.898 -1.477  1.00 19.90 ? 1   PHE A C   1 
ATOM   4   O O   . PHE A 1 1  ? -1.763  -11.676 -1.483  1.00 18.39 ? 1   PHE A O   1 
ATOM   5   C CB  . PHE A 1 1  ? -3.785  -13.735 -0.347  1.00 26.89 ? 1   PHE A CB  1 
ATOM   6   C CG  . PHE A 1 1  ? -5.220  -14.189 -0.427  1.00 31.27 ? 1   PHE A CG  1 
ATOM   7   C CD1 . PHE A 1 1  ? -6.189  -13.377 -1.006  1.00 34.24 ? 1   PHE A CD1 1 
ATOM   8   C CD2 . PHE A 1 1  ? -5.606  -15.409 0.108   1.00 34.55 ? 1   PHE A CD2 1 
ATOM   9   C CE1 . PHE A 1 1  ? -7.509  -13.792 -1.077  1.00 35.69 ? 1   PHE A CE1 1 
ATOM   10  C CE2 . PHE A 1 1  ? -6.930  -15.821 0.040   1.00 38.10 ? 1   PHE A CE2 1 
ATOM   11  C CZ  . PHE A 1 1  ? -7.878  -15.013 -0.554  1.00 35.00 ? 1   PHE A CZ  1 
ATOM   12  N N   . LYS A 1 2  ? -0.638  -13.589 -1.278  1.00 17.72 ? 2   LYS A N   1 
ATOM   13  C CA  . LYS A 1 2  ? 0.684   -12.940 -1.214  1.00 18.58 ? 2   LYS A CA  1 
ATOM   14  C C   . LYS A 1 2  ? 0.905   -12.132 -2.497  1.00 16.74 ? 2   LYS A C   1 
ATOM   15  O O   . LYS A 1 2  ? 1.387   -11.026 -2.431  1.00 16.22 ? 2   LYS A O   1 
ATOM   16  C CB  . LYS A 1 2  ? 1.769   -14.006 -1.036  1.00 20.38 ? 2   LYS A CB  1 
ATOM   17  C CG  . LYS A 1 2  ? 3.176   -13.456 -0.843  1.00 24.99 ? 2   LYS A CG  1 
ATOM   18  C CD  . LYS A 1 2  ? 4.248   -14.512 -1.039  1.00 28.46 ? 2   LYS A CD  1 
ATOM   19  C CE  . LYS A 1 2  ? 5.594   -14.070 -0.507  1.00 30.65 ? 2   LYS A CE  1 
ATOM   20  N NZ  . LYS A 1 2  ? 6.699   -14.359 -1.449  1.00 33.90 ? 2   LYS A NZ  1 
ATOM   21  N N   . ARG A 1 3  ? 0.579   -12.685 -3.651  1.00 15.79 ? 3   ARG A N   1 
ATOM   22  C CA  . ARG A 1 3  ? 0.779   -11.999 -4.931  1.00 14.57 ? 3   ARG A CA  1 
ATOM   23  C C   . ARG A 1 3  ? -0.037  -10.706 -4.947  1.00 13.17 ? 3   ARG A C   1 
ATOM   24  O O   . ARG A 1 3  ? 0.461   -9.692  -5.459  1.00 12.81 ? 3   ARG A O   1 
ATOM   25  C CB  . ARG A 1 3  ? 0.348   -12.899 -6.087  1.00 14.33 ? 3   ARG A CB  1 
ATOM   26  C CG  . ARG A 1 3  ? 0.324   -12.195 -7.429  1.00 15.20 ? 3   ARG A CG  1 
ATOM   27  C CD  . ARG A 1 3  ? -0.174  -13.074 -8.554  1.00 15.06 ? 3   ARG A CD  1 
ATOM   28  N NE  . ARG A 1 3  ? -1.617  -13.239 -8.446  1.00 15.94 ? 3   ARG A NE  1 
ATOM   29  C CZ  . ARG A 1 3  ? -2.571  -12.429 -8.893  1.00 15.72 ? 3   ARG A CZ  1 
ATOM   30  N NH1 . ARG A 1 3  ? -2.289  -11.311 -9.536  1.00 16.00 ? 3   ARG A NH1 1 
ATOM   31  N NH2 . ARG A 1 3  ? -3.835  -12.776 -8.679  1.00 19.03 ? 3   ARG A NH2 1 
ATOM   32  N N   . ILE A 1 4  ? -1.276  -10.751 -4.490  1.00 13.03 ? 4   ILE A N   1 
ATOM   33  C CA  . ILE A 1 4  ? -2.181  -9.574  -4.502  1.00 13.07 ? 4   ILE A CA  1 
ATOM   34  C C   . ILE A 1 4  ? -1.584  -8.493  -3.617  1.00 12.21 ? 4   ILE A C   1 
ATOM   35  O O   . ILE A 1 4  ? -1.547  -7.315  -4.018  1.00 12.28 ? 4   ILE A O   1 
ATOM   36  C CB  . ILE A 1 4  ? -3.607  -9.981  -4.113  1.00 14.81 ? 4   ILE A CB  1 
ATOM   37  C CG1 . ILE A 1 4  ? -4.158  -10.939 -5.166  1.00 18.07 ? 4   ILE A CG1 1 
ATOM   38  C CG2 . ILE A 1 4  ? -4.504  -8.780  -3.941  1.00 15.11 ? 4   ILE A CG2 1 
ATOM   39  C CD1 . ILE A 1 4  ? -5.381  -11.696 -4.755  1.00 21.01 ? 4   ILE A CD1 1 
ATOM   40  N N   . VAL A 1 5  ? -1.087  -8.857  -2.447  1.00 12.64 ? 5   VAL A N   1 
ATOM   41  C CA  . VAL A 1 5  ? -0.542  -7.847  -1.515  1.00 11.95 ? 5   VAL A CA  1 
ATOM   42  C C   . VAL A 1 5  ? 0.696   -7.231  -2.178  1.00 12.76 ? 5   VAL A C   1 
ATOM   43  O O   . VAL A 1 5  ? 0.843   -5.997  -2.171  1.00 12.82 ? 5   VAL A O   1 
ATOM   44  C CB  . VAL A 1 5  ? -0.191  -8.483  -0.169  1.00 13.86 ? 5   VAL A CB  1 
ATOM   45  C CG1 . VAL A 1 5  ? 0.575   -7.507  0.684   1.00 14.68 ? 5   VAL A CG1 1 
ATOM   46  C CG2 . VAL A 1 5  ? -1.443  -8.974  0.541   1.00 15.58 ? 5   VAL A CG2 1 
ATOM   47  N N   . GLN A 1 6  ? 1.514   -8.035  -2.813  1.00 12.45 ? 6   GLN A N   1 
ATOM   48  C CA  . GLN A 1 6  ? 2.734   -7.513  -3.453  1.00 13.30 ? 6   GLN A CA  1 
ATOM   49  C C   . GLN A 1 6  ? 2.376   -6.608  -4.639  1.00 12.91 ? 6   GLN A C   1 
ATOM   50  O O   . GLN A 1 6  ? 3.057   -5.605  -4.839  1.00 12.82 ? 6   GLN A O   1 
ATOM   51  C CB  . GLN A 1 6  ? 3.704   -8.613  -3.844  1.00 15.96 ? 6   GLN A CB  1 
ATOM   52  C CG  . GLN A 1 6  ? 5.101   -8.105  -4.175  0.70 18.13 ? 6   GLN A CG  1 
ATOM   53  C CD  . GLN A 1 6  ? 5.677   -7.086  -3.213  0.70 20.60 ? 6   GLN A CD  1 
ATOM   54  O OE1 . GLN A 1 6  ? 5.805   -7.334  -2.006  0.70 25.85 ? 6   GLN A OE1 1 
ATOM   55  N NE2 . GLN A 1 6  ? 5.968   -5.897  -3.737  0.70 20.17 ? 6   GLN A NE2 1 
ATOM   56  N N   . ARG A 1 7  ? 1.322   -6.924  -5.387  1.00 10.93 ? 7   ARG A N   1 
ATOM   57  C CA  . ARG A 1 7  ? 0.872   -6.074  -6.520  1.00 10.61 ? 7   ARG A CA  1 
ATOM   58  C C   . ARG A 1 7  ? 0.470   -4.698  -5.984  1.00 11.02 ? 7   ARG A C   1 
ATOM   59  O O   . ARG A 1 7  ? 0.794   -3.675  -6.594  1.00 11.67 ? 7   ARG A O   1 
ATOM   60  C CB  . ARG A 1 7  ? -0.286  -6.738  -7.262  1.00 11.46 ? 7   ARG A CB  1 
ATOM   61  C CG  . ARG A 1 7  ? 0.106   -7.901  -8.164  1.00 12.65 ? 7   ARG A CG  1 
ATOM   62  C CD  . ARG A 1 7  ? 0.838   -7.485  -9.412  1.00 12.15 ? 7   ARG A CD  1 
ATOM   63  N NE  . ARG A 1 7  ? 0.085   -6.564  -10.222 1.00 12.10 ? 7   ARG A NE  1 
ATOM   64  C CZ  . ARG A 1 7  ? -0.920  -6.882  -11.016 1.00 12.49 ? 7   ARG A CZ  1 
ATOM   65  N NH1 . ARG A 1 7  ? -1.268  -8.146  -11.172 1.00 13.09 ? 7   ARG A NH1 1 
ATOM   66  N NH2 . ARG A 1 7  ? -1.559  -5.938  -11.653 1.00 13.62 ? 7   ARG A NH2 1 
ATOM   67  N N   . ILE A 1 8  ? -0.217  -4.625  -4.844  1.00 10.04 ? 8   ILE A N   1 
ATOM   68  C CA  . ILE A 1 8  ? -0.635  -3.320  -4.281  1.00 11.22 ? 8   ILE A CA  1 
ATOM   69  C C   . ILE A 1 8  ? 0.611   -2.569  -3.814  1.00 11.13 ? 8   ILE A C   1 
ATOM   70  O O   . ILE A 1 8  ? 0.757   -1.375  -4.087  1.00 11.11 ? 8   ILE A O   1 
ATOM   71  C CB  . ILE A 1 8  ? -1.601  -3.520  -3.130  1.00 12.60 ? 8   ILE A CB  1 
ATOM   72  C CG1 . ILE A 1 8  ? -2.905  -4.163  -3.592  1.00 13.38 ? 8   ILE A CG1 1 
ATOM   73  C CG2 . ILE A 1 8  ? -1.851  -2.194  -2.446  1.00 13.12 ? 8   ILE A CG2 1 
ATOM   74  C CD1 . ILE A 1 8  ? -3.707  -4.635  -2.452  1.00 18.51 ? 8   ILE A CD1 1 
ATOM   75  N N   . LYS A 1 9  ? 1.476   -3.225  -3.069  1.00 11.17 ? 9   LYS A N   1 
ATOM   76  C CA  . LYS A 1 9  ? 2.711   -2.600  -2.558  1.00 11.36 ? 9   LYS A CA  1 
ATOM   77  C C   . LYS A 1 9  ? 3.524   -2.051  -3.714  1.00 12.00 ? 9   LYS A C   1 
ATOM   78  O O   . LYS A 1 9  ? 4.018   -0.912  -3.616  1.00 11.84 ? 9   LYS A O   1 
ATOM   79  C CB  . LYS A 1 9  ? 3.479   -3.633  -1.712  1.00 12.88 ? 9   LYS A CB  1 
ATOM   80  C CG  . LYS A 1 9  ? 4.664   -3.039  -1.005  1.00 14.00 ? 9   LYS A CG  1 
ATOM   81  C CD  . LYS A 1 9  ? 5.330   -4.012  -0.075  1.00 16.40 ? 9   LYS A CD  1 
ATOM   82  C CE  . LYS A 1 9  ? 6.405   -3.383  0.765   1.00 19.29 ? 9   LYS A CE  1 
ATOM   83  N NZ  . LYS A 1 9  ? 6.643   -4.233  1.955   1.00 22.46 ? 9   LYS A NZ  1 
ATOM   84  N N   . ASP A 1 10 ? 3.658   -2.819  -4.770  1.00 11.96 ? 10  ASP A N   1 
ATOM   85  C CA  . ASP A 1 10 ? 4.511   -2.390  -5.888  1.00 12.31 ? 10  ASP A CA  1 
ATOM   86  C C   . ASP A 1 10 ? 3.854   -1.245  -6.640  1.00 12.91 ? 10  ASP A C   1 
ATOM   87  O O   . ASP A 1 10 ? 4.563   -0.382  -7.188  1.00 14.35 ? 10  ASP A O   1 
ATOM   88  C CB  . ASP A 1 10 ? 4.793   -3.541  -6.836  1.00 13.96 ? 10  ASP A CB  1 
ATOM   89  C CG  . ASP A 1 10 ? 5.783   -3.140  -7.894  1.00 17.87 ? 10  ASP A CG  1 
ATOM   90  O OD1 . ASP A 1 10 ? 6.934   -2.745  -7.518  1.00 20.63 ? 10  ASP A OD1 1 
ATOM   91  O OD2 . ASP A 1 10 ? 5.383   -3.134  -9.061  1.00 21.88 ? 10  ASP A OD2 1 
ATOM   92  N N   . PHE A 1 11 ? 2.541   -1.252  -6.771  1.00 11.24 ? 11  PHE A N   1 
ATOM   93  C CA  . PHE A 1 11 ? 1.862   -0.131  -7.455  1.00 11.56 ? 11  PHE A CA  1 
ATOM   94  C C   . PHE A 1 11 ? 2.102   1.184   -6.694  1.00 11.97 ? 11  PHE A C   1 
ATOM   95  O O   . PHE A 1 11 ? 2.264   2.249   -7.310  1.00 12.72 ? 11  PHE A O   1 
ATOM   96  C CB  . PHE A 1 11 ? 0.374   -0.446  -7.593  1.00 12.01 ? 11  PHE A CB  1 
ATOM   97  C CG  . PHE A 1 11 ? -0.385  0.632   -8.311  1.00 12.41 ? 11  PHE A CG  1 
ATOM   98  C CD1 . PHE A 1 11 ? -0.129  0.889   -9.651  1.00 13.64 ? 11  PHE A CD1 1 
ATOM   99  C CD2 . PHE A 1 11 ? -1.433  1.276   -7.689  1.00 14.02 ? 11  PHE A CD2 1 
ATOM   100 C CE1 . PHE A 1 11 ? -0.852  1.876   -10.313 1.00 14.37 ? 11  PHE A CE1 1 
ATOM   101 C CE2 . PHE A 1 11 ? -2.156  2.253   -8.360  1.00 14.80 ? 11  PHE A CE2 1 
ATOM   102 C CZ  . PHE A 1 11 ? -1.854  2.560   -9.660  1.00 14.76 ? 11  PHE A CZ  1 
ATOM   103 N N   . LEU A 1 12 ? 2.083   1.149   -5.367  1.00 12.97 ? 12  LEU A N   1 
ATOM   104 C CA  . LEU A 1 12 ? 2.159   2.359   -4.526  1.00 14.25 ? 12  LEU A CA  1 
ATOM   105 C C   . LEU A 1 12 ? 3.599   2.769   -4.251  1.00 16.22 ? 12  LEU A C   1 
ATOM   106 O O   . LEU A 1 12 ? 3.783   3.876   -3.736  1.00 18.17 ? 12  LEU A O   1 
ATOM   107 C CB  . LEU A 1 12 ? 1.456   2.083   -3.194  1.00 14.28 ? 12  LEU A CB  1 
ATOM   108 C CG  . LEU A 1 12 ? -0.028  1.809   -3.294  1.00 15.31 ? 12  LEU A CG  1 
ATOM   109 C CD1 . LEU A 1 12 ? -0.578  1.626   -1.888  1.00 15.73 ? 12  LEU A CD1 1 
ATOM   110 C CD2 . LEU A 1 12 ? -0.761  2.937   -4.018  1.00 17.53 ? 12  LEU A CD2 1 
ATOM   111 N N   . ARG A 1 13 ? 4.596   1.956   -4.544  1.00 16.42 ? 13  ARG A N   1 
ATOM   112 C CA  . ARG A 1 13 ? 5.998   2.277   -4.142  1.00 19.90 ? 13  ARG A CA  1 
ATOM   113 C C   . ARG A 1 13 ? 6.454   3.587   -4.807  1.00 26.59 ? 13  ARG A C   1 
ATOM   114 O O   . ARG A 1 13 ? 7.265   4.303   -4.191  1.00 34.23 ? 13  ARG A O   1 
ATOM   115 C CB  . ARG A 1 13 ? 6.928   1.103   -4.433  1.00 20.79 ? 13  ARG A CB  1 
ATOM   116 C CG  . ARG A 1 13 ? 7.430   1.075   -5.857  1.00 21.59 ? 13  ARG A CG  1 
ATOM   117 C CD  . ARG A 1 13 ? 8.469   0.004   -6.062  1.00 20.05 ? 13  ARG A CD  1 
ATOM   118 N NE  . ARG A 1 13 ? 8.551   -0.333  -7.460  1.00 22.09 ? 13  ARG A NE  1 
ATOM   119 C CZ  . ARG A 1 13 ? 9.200   0.344   -8.388  1.00 21.01 ? 13  ARG A CZ  1 
ATOM   120 N NH1 . ARG A 1 13 ? 9.205   -0.131  -9.622  1.00 22.79 ? 13  ARG A NH1 1 
ATOM   121 N NH2 . ARG A 1 13 ? 9.902   1.421   -8.075  1.00 20.64 ? 13  ARG A NH2 1 
ATOM   122 O OXT . ARG A 1 13 ? 6.054   3.970   -5.908  1.00 27.13 ? 13  ARG A OXT 1 
ATOM   123 N N   . PHE B 1 1  ? -7.774  11.715  -0.337  1.00 22.98 ? 1   PHE B N   1 
ATOM   124 C CA  . PHE B 1 1  ? -7.298  10.506  -1.044  1.00 22.13 ? 1   PHE B CA  1 
ATOM   125 C C   . PHE B 1 1  ? -5.808  10.289  -0.753  1.00 20.50 ? 1   PHE B C   1 
ATOM   126 O O   . PHE B 1 1  ? -5.390  9.127   -0.678  1.00 17.80 ? 1   PHE B O   1 
ATOM   127 C CB  . PHE B 1 1  ? -7.621  10.625  -2.531  1.00 23.41 ? 1   PHE B CB  1 
ATOM   128 C CG  . PHE B 1 1  ? -9.099  10.728  -2.807  1.00 27.18 ? 1   PHE B CG  1 
ATOM   129 C CD1 . PHE B 1 1  ? -9.894  9.594   -2.829  1.00 26.86 ? 1   PHE B CD1 1 
ATOM   130 C CD2 . PHE B 1 1  ? -9.697  11.969  -2.991  1.00 30.27 ? 1   PHE B CD2 1 
ATOM   131 C CE1 . PHE B 1 1  ? -11.258 9.695   -3.065  1.00 30.16 ? 1   PHE B CE1 1 
ATOM   132 C CE2 . PHE B 1 1  ? -11.059 12.069  -3.237  1.00 32.24 ? 1   PHE B CE2 1 
ATOM   133 C CZ  . PHE B 1 1  ? -11.834 10.930  -3.275  1.00 31.13 ? 1   PHE B CZ  1 
ATOM   134 N N   . LYS B 1 2  ? -5.016  11.353  -0.612  1.00 19.39 ? 2   LYS B N   1 
ATOM   135 C CA  . LYS B 1 2  ? -3.575  11.218  -0.282  1.00 20.45 ? 2   LYS B CA  1 
ATOM   136 C C   . LYS B 1 2  ? -3.441  10.455  1.040   1.00 19.70 ? 2   LYS B C   1 
ATOM   137 O O   . LYS B 1 2  ? -2.515  9.612   1.144   1.00 18.28 ? 2   LYS B O   1 
ATOM   138 C CB  . LYS B 1 2  ? -2.909  12.590  -0.179  1.00 24.83 ? 2   LYS B CB  1 
ATOM   139 C CG  . LYS B 1 2  ? -1.389  12.574  -0.118  1.00 31.63 ? 2   LYS B CG  1 
ATOM   140 C CD  . LYS B 1 2  ? -0.790  13.960  -0.293  1.00 35.40 ? 2   LYS B CD  1 
ATOM   141 C CE  . LYS B 1 2  ? -0.776  14.759  0.992   1.00 39.01 ? 2   LYS B CE  1 
ATOM   142 N NZ  . LYS B 1 2  ? 0.388   14.384  1.827   1.00 43.34 ? 2   LYS B NZ  1 
ATOM   143 N N   . ARG B 1 3  ? -4.305  10.766  2.006   1.00 18.77 ? 3   ARG B N   1 
ATOM   144 C CA  . ARG B 1 3  ? -4.348  10.156  3.369   1.00 17.60 ? 3   ARG B CA  1 
ATOM   145 C C   . ARG B 1 3  ? -4.571  8.655   3.200   1.00 14.90 ? 3   ARG B C   1 
ATOM   146 O O   . ARG B 1 3  ? -3.939  7.845   3.896   1.00 14.64 ? 3   ARG B O   1 
ATOM   147 C CB  . ARG B 1 3  ? -5.488  10.735  4.231   1.00 20.43 ? 3   ARG B CB  1 
ATOM   148 C CG  . ARG B 1 3  ? -5.913  9.936   5.464   1.00 22.89 ? 3   ARG B CG  1 
ATOM   149 C CD  . ARG B 1 3  ? -7.155  10.473  6.183   1.00 24.23 ? 3   ARG B CD  1 
ATOM   150 N NE  . ARG B 1 3  ? -8.408  10.216  5.461   1.00 25.00 ? 3   ARG B NE  1 
ATOM   151 C CZ  . ARG B 1 3  ? -9.215  9.155   5.623   1.00 26.02 ? 3   ARG B CZ  1 
ATOM   152 N NH1 . ARG B 1 3  ? -8.942  8.206   6.503   1.00 26.01 ? 3   ARG B NH1 1 
ATOM   153 N NH2 . ARG B 1 3  ? -10.327 9.079   4.910   1.00 24.01 ? 3   ARG B NH2 1 
ATOM   154 N N   . ILE B 1 4  ? -5.517  8.293   2.349   1.00 15.52 ? 4   ILE B N   1 
ATOM   155 C CA  . ILE B 1 4  ? -5.887  6.870   2.142   1.00 14.65 ? 4   ILE B CA  1 
ATOM   156 C C   . ILE B 1 4  ? -4.725  6.097   1.523   1.00 13.39 ? 4   ILE B C   1 
ATOM   157 O O   . ILE B 1 4  ? -4.352  5.059   2.055   1.00 12.58 ? 4   ILE B O   1 
ATOM   158 C CB  . ILE B 1 4  ? -7.142  6.777   1.268   1.00 15.46 ? 4   ILE B CB  1 
ATOM   159 C CG1 . ILE B 1 4  ? -8.323  7.378   2.023   1.00 17.48 ? 4   ILE B CG1 1 
ATOM   160 C CG2 . ILE B 1 4  ? -7.396  5.356   0.824   1.00 15.13 ? 4   ILE B CG2 1 
ATOM   161 C CD1 . ILE B 1 4  ? -9.573  7.518   1.200   1.00 18.53 ? 4   ILE B CD1 1 
ATOM   162 N N   . VAL B 1 5  ? -4.095  6.653   0.508   1.00 13.80 ? 5   VAL B N   1 
ATOM   163 C CA  . VAL B 1 5  ? -2.919  6.000   -0.106  1.00 13.35 ? 5   VAL B CA  1 
ATOM   164 C C   . VAL B 1 5  ? -1.814  5.842   0.943   1.00 11.97 ? 5   VAL B C   1 
ATOM   165 O O   . VAL B 1 5  ? -1.229  4.775   1.026   1.00 12.22 ? 5   VAL B O   1 
ATOM   166 C CB  . VAL B 1 5  ? -2.414  6.792   -1.314  1.00 13.83 ? 5   VAL B CB  1 
ATOM   167 C CG1 . VAL B 1 5  ? -1.135  6.174   -1.857  1.00 15.88 ? 5   VAL B CG1 1 
ATOM   168 C CG2 . VAL B 1 5  ? -3.474  6.833   -2.390  1.00 15.15 ? 5   VAL B CG2 1 
ATOM   169 N N   . GLN B 1 6  ? -1.518  6.884   1.710   1.00 13.07 ? 6   GLN B N   1 
ATOM   170 C CA  A GLN B 1 6  ? -0.368  6.789   2.639   0.50 13.15 ? 6   GLN B CA  1 
ATOM   171 C CA  B GLN B 1 6  ? -0.399  6.848   2.685   0.50 13.06 ? 6   GLN B CA  1 
ATOM   172 C C   . GLN B 1 6  ? -0.676  5.750   3.715   1.00 12.69 ? 6   GLN B C   1 
ATOM   173 O O   . GLN B 1 6  ? 0.239   5.037   4.112   1.00 12.10 ? 6   GLN B O   1 
ATOM   174 C CB  A GLN B 1 6  ? -0.018  8.141   3.242   0.50 13.74 ? 6   GLN B CB  1 
ATOM   175 C CB  B GLN B 1 6  ? -0.252  8.232   3.315   0.50 13.43 ? 6   GLN B CB  1 
ATOM   176 C CG  A GLN B 1 6  ? 1.210   8.093   4.150   0.50 14.99 ? 6   GLN B CG  1 
ATOM   177 C CG  B GLN B 1 6  ? 1.031   8.432   4.113   0.50 14.31 ? 6   GLN B CG  1 
ATOM   178 C CD  A GLN B 1 6  ? 2.480   7.661   3.446   0.50 15.30 ? 6   GLN B CD  1 
ATOM   179 C CD  B GLN B 1 6  ? 0.954   7.854   5.504   0.50 14.66 ? 6   GLN B CD  1 
ATOM   180 O OE1 A GLN B 1 6  ? 3.201   6.781   3.908   0.50 16.78 ? 6   GLN B OE1 1 
ATOM   181 O OE1 B GLN B 1 6  ? -0.089  7.851   6.149   0.50 14.57 ? 6   GLN B OE1 1 
ATOM   182 N NE2 A GLN B 1 6  ? 2.761   8.272   2.305   0.50 16.79 ? 6   GLN B NE2 1 
ATOM   183 N NE2 B GLN B 1 6  ? 2.094   7.401   6.008   0.50 15.10 ? 6   GLN B NE2 1 
ATOM   184 N N   . ARG B 1 7  ? -1.914  5.622   4.145   1.00 11.95 ? 7   ARG B N   1 
ATOM   185 C CA  A ARG B 1 7  ? -2.283  4.612   5.166   0.50 11.62 ? 7   ARG B CA  1 
ATOM   186 C CA  B ARG B 1 7  ? -2.268  4.599   5.171   0.50 11.81 ? 7   ARG B CA  1 
ATOM   187 C C   . ARG B 1 7  ? -2.052  3.198   4.624   1.00 11.03 ? 7   ARG B C   1 
ATOM   188 O O   . ARG B 1 7  ? -1.558  2.344   5.345   1.00 11.81 ? 7   ARG B O   1 
ATOM   189 C CB  A ARG B 1 7  ? -3.742  4.827   5.556   0.50 12.85 ? 7   ARG B CB  1 
ATOM   190 C CB  B ARG B 1 7  ? -3.715  4.695   5.652   0.50 13.28 ? 7   ARG B CB  1 
ATOM   191 C CG  A ARG B 1 7  ? -4.253  3.834   6.576   0.50 13.06 ? 7   ARG B CG  1 
ATOM   192 C CG  B ARG B 1 7  ? -3.824  5.509   6.925   0.50 14.33 ? 7   ARG B CG  1 
ATOM   193 C CD  A ARG B 1 7  ? -5.545  4.340   7.164   0.50 14.18 ? 7   ARG B CD  1 
ATOM   194 C CD  B ARG B 1 7  ? -5.229  5.733   7.405   0.50 14.74 ? 7   ARG B CD  1 
ATOM   195 N NE  A ARG B 1 7  ? -6.237  3.295   7.892   0.50 14.89 ? 7   ARG B NE  1 
ATOM   196 N NE  B ARG B 1 7  ? -5.800  4.499   7.889   0.50 15.11 ? 7   ARG B NE  1 
ATOM   197 C CZ  A ARG B 1 7  ? -7.290  3.517   8.677   0.50 15.06 ? 7   ARG B CZ  1 
ATOM   198 C CZ  B ARG B 1 7  ? -6.997  4.410   8.441   0.50 14.93 ? 7   ARG B CZ  1 
ATOM   199 N NH1 A ARG B 1 7  ? -7.782  4.740   8.775   0.50 15.23 ? 7   ARG B NH1 1 
ATOM   200 N NH1 B ARG B 1 7  ? -7.436  3.237   8.848   0.50 15.10 ? 7   ARG B NH1 1 
ATOM   201 N NH2 A ARG B 1 7  ? -7.875  2.522   9.324   0.50 16.65 ? 7   ARG B NH2 1 
ATOM   202 N NH2 B ARG B 1 7  ? -7.740  5.496   8.566   0.50 14.20 ? 7   ARG B NH2 1 
ATOM   203 N N   . ILE B 1 8  ? -2.441  2.960   3.379   1.00 11.00 ? 8   ILE B N   1 
ATOM   204 C CA  . ILE B 1 8  ? -2.238  1.623   2.781   1.00 10.71 ? 8   ILE B CA  1 
ATOM   205 C C   . ILE B 1 8  ? -0.733  1.387   2.652   1.00 10.61 ? 8   ILE B C   1 
ATOM   206 O O   . ILE B 1 8  ? -0.264  0.298   3.003   1.00 10.76 ? 8   ILE B O   1 
ATOM   207 C CB  . ILE B 1 8  ? -3.000  1.477   1.454   1.00 11.40 ? 8   ILE B CB  1 
ATOM   208 C CG1 . ILE B 1 8  ? -4.507  1.622   1.683   1.00 12.37 ? 8   ILE B CG1 1 
ATOM   209 C CG2 . ILE B 1 8  ? -2.682  0.158   0.784   1.00 12.42 ? 8   ILE B CG2 1 
ATOM   210 C CD1 . ILE B 1 8  ? -5.310  1.786   0.427   1.00 12.84 ? 8   ILE B CD1 1 
ATOM   211 N N   . LYS B 1 9  ? 0.009   2.361   2.142   1.00 11.02 ? 9   LYS B N   1 
ATOM   212 C CA  A LYS B 1 9  ? 1.486   2.218   2.012   0.50 11.98 ? 9   LYS B CA  1 
ATOM   213 C CA  B LYS B 1 9  ? 1.479   2.214   2.010   0.50 12.24 ? 9   LYS B CA  1 
ATOM   214 C C   . LYS B 1 9  ? 2.117   1.900   3.374   1.00 11.75 ? 9   LYS B C   1 
ATOM   215 O O   . LYS B 1 9  ? 2.976   1.006   3.474   1.00 11.84 ? 9   LYS B O   1 
ATOM   216 C CB  A LYS B 1 9  ? 2.087   3.508   1.444   0.50 12.50 ? 9   LYS B CB  1 
ATOM   217 C CB  B LYS B 1 9  ? 2.013   3.511   1.404   0.50 13.12 ? 9   LYS B CB  1 
ATOM   218 C CG  A LYS B 1 9  ? 1.849   3.723   -0.038  0.50 14.19 ? 9   LYS B CG  1 
ATOM   219 C CG  B LYS B 1 9  ? 3.423   3.420   0.867   0.50 15.33 ? 9   LYS B CG  1 
ATOM   220 C CD  A LYS B 1 9  ? 2.625   4.885   -0.616  0.50 15.79 ? 9   LYS B CD  1 
ATOM   221 C CD  B LYS B 1 9  ? 3.631   4.425   -0.230  0.50 17.68 ? 9   LYS B CD  1 
ATOM   222 C CE  A LYS B 1 9  ? 4.114   4.812   -0.332  0.50 18.19 ? 9   LYS B CE  1 
ATOM   223 C CE  B LYS B 1 9  ? 4.988   4.278   -0.867  0.50 19.40 ? 9   LYS B CE  1 
ATOM   224 N NZ  A LYS B 1 9  ? 4.914   5.456   -1.410  0.50 19.41 ? 9   LYS B NZ  1 
ATOM   225 N NZ  B LYS B 1 9  ? 6.012   4.245   0.190   0.50 21.90 ? 9   LYS B NZ  1 
ATOM   226 N N   . ASP B 1 10 ? 1.702   2.586   4.407   1.00 12.37 ? 10  ASP B N   1 
ATOM   227 C CA  A ASP B 1 10 ? 2.281   2.373   5.752   0.50 12.72 ? 10  ASP B CA  1 
ATOM   228 C CA  B ASP B 1 10 ? 2.286   2.363   5.752   0.50 12.69 ? 10  ASP B CA  1 
ATOM   229 C C   . ASP B 1 10 ? 1.884   1.003   6.308   1.00 11.63 ? 10  ASP B C   1 
ATOM   230 O O   . ASP B 1 10 ? 2.673   0.403   7.051   1.00 12.26 ? 10  ASP B O   1 
ATOM   231 C CB  A ASP B 1 10 ? 1.845   3.470   6.710   0.50 13.89 ? 10  ASP B CB  1 
ATOM   232 C CB  B ASP B 1 10 ? 1.896   3.463   6.726   0.50 13.66 ? 10  ASP B CB  1 
ATOM   233 C CG  A ASP B 1 10 ? 2.671   3.510   7.977   0.50 15.08 ? 10  ASP B CG  1 
ATOM   234 C CG  B ASP B 1 10 ? 2.751   4.688   6.501   0.50 15.19 ? 10  ASP B CG  1 
ATOM   235 O OD1 A ASP B 1 10 ? 3.909   3.578   7.870   0.50 17.00 ? 10  ASP B OD1 1 
ATOM   236 O OD1 B ASP B 1 10 ? 3.890   4.497   6.022   0.50 17.85 ? 10  ASP B OD1 1 
ATOM   237 O OD2 A ASP B 1 10 ? 2.052   3.469   9.065   0.50 17.67 ? 10  ASP B OD2 1 
ATOM   238 O OD2 B ASP B 1 10 ? 2.255   5.819   6.742   0.50 14.06 ? 10  ASP B OD2 1 
ATOM   239 N N   . PHE B 1 11 ? 0.689   0.519   5.993   1.00 11.79 ? 11  PHE B N   1 
ATOM   240 C CA  . PHE B 1 11 ? 0.270   -0.796  6.499   1.00 11.89 ? 11  PHE B CA  1 
ATOM   241 C C   . PHE B 1 11 ? 1.133   -1.872  5.868   1.00 11.48 ? 11  PHE B C   1 
ATOM   242 O O   . PHE B 1 11 ? 1.521   -2.835  6.545   1.00 12.87 ? 11  PHE B O   1 
ATOM   243 C CB  . PHE B 1 11 ? -1.218  -0.978  6.202   1.00 11.21 ? 11  PHE B CB  1 
ATOM   244 C CG  . PHE B 1 11 ? -1.818  -2.289  6.626   1.00 12.78 ? 11  PHE B CG  1 
ATOM   245 C CD1 . PHE B 1 11 ? -1.717  -2.738  7.925   1.00 12.89 ? 11  PHE B CD1 1 
ATOM   246 C CD2 . PHE B 1 11 ? -2.552  -3.028  5.724   1.00 13.23 ? 11  PHE B CD2 1 
ATOM   247 C CE1 . PHE B 1 11 ? -2.328  -3.924  8.304   1.00 13.74 ? 11  PHE B CE1 1 
ATOM   248 C CE2 . PHE B 1 11 ? -3.149  -4.213  6.099   1.00 14.92 ? 11  PHE B CE2 1 
ATOM   249 C CZ  . PHE B 1 11 ? -3.005  -4.670  7.378   1.00 13.89 ? 11  PHE B CZ  1 
ATOM   250 N N   . LEU B 1 12 ? 1.457   -1.740  4.581   1.00 11.50 ? 12  LEU B N   1 
ATOM   251 C CA  . LEU B 1 12 ? 2.164   -2.790  3.815   1.00 11.61 ? 12  LEU B CA  1 
ATOM   252 C C   . LEU B 1 12 ? 3.689   -2.656  3.887   1.00 11.91 ? 12  LEU B C   1 
ATOM   253 O O   . LEU B 1 12 ? 4.342   -3.638  3.504   1.00 13.10 ? 12  LEU B O   1 
ATOM   254 C CB  . LEU B 1 12 ? 1.724   -2.746  2.339   1.00 11.86 ? 12  LEU B CB  1 
ATOM   255 C CG  . LEU B 1 12 ? 0.246   -3.018  2.119   1.00 12.85 ? 12  LEU B CG  1 
ATOM   256 C CD1 . LEU B 1 12 ? -0.018  -3.093  0.641   1.00 13.18 ? 12  LEU B CD1 1 
ATOM   257 C CD2 . LEU B 1 12 ? -0.180  -4.303  2.788   1.00 13.52 ? 12  LEU B CD2 1 
ATOM   258 N N   . ARG B 1 13 ? 4.239   -1.566  4.384   1.00 12.53 ? 13  ARG B N   1 
ATOM   259 C CA  . ARG B 1 13 ? 5.727   -1.397  4.319   1.00 13.73 ? 13  ARG B CA  1 
ATOM   260 C C   . ARG B 1 13 ? 6.450   -2.436  5.200   1.00 16.69 ? 13  ARG B C   1 
ATOM   261 O O   . ARG B 1 13 ? 7.644   -2.695  4.858   0.70 17.28 ? 13  ARG B O   1 
ATOM   262 C CB  . ARG B 1 13 ? 6.126   0.027   4.683   1.00 13.73 ? 13  ARG B CB  1 
ATOM   263 C CG  . ARG B 1 13 ? 6.032   0.292   6.175   1.00 14.71 ? 13  ARG B CG  1 
ATOM   264 C CD  . ARG B 1 13 ? 6.558   1.642   6.526   1.00 14.89 ? 13  ARG B CD  1 
ATOM   265 N NE  . ARG B 1 13 ? 6.407   1.934   7.946   1.00 15.79 ? 13  ARG B NE  1 
ATOM   266 C CZ  . ARG B 1 13 ? 7.222   1.533   8.920   1.00 15.32 ? 13  ARG B CZ  1 
ATOM   267 N NH1 . ARG B 1 13 ? 6.938   1.902   10.156  1.00 15.61 ? 13  ARG B NH1 1 
ATOM   268 N NH2 . ARG B 1 13 ? 8.275   0.783   8.665   1.00 15.92 ? 13  ARG B NH2 1 
ATOM   269 O OXT . ARG B 1 13 ? 5.994   -3.045  6.190   0.70 14.61 ? 13  ARG B OXT 1 
HETATM 270 O O   . HOH C 2 .  ? 0.811   -3.799  -9.300  1.00 15.42 ? 101 HOH A O   1 
HETATM 271 O O   . HOH C 2 .  ? 7.333   -2.396  -10.821 0.50 24.49 ? 102 HOH A O   1 
HETATM 272 O O   . HOH C 2 .  ? 4.589   0.657   -1.352  1.00 16.67 ? 103 HOH A O   1 
HETATM 273 O O   . HOH C 2 .  ? 6.453   -6.632  -6.467  1.00 47.68 ? 104 HOH A O   1 
HETATM 274 O O   . HOH C 2 .  ? 11.976  2.868   -9.445  1.00 23.16 ? 105 HOH A O   1 
HETATM 275 O O   . HOH C 2 .  ? 10.448  3.003   -5.728  1.00 25.03 ? 106 HOH A O   1 
HETATM 276 O O   . HOH C 2 .  ? 6.431   -7.080  1.527   1.00 34.99 ? 107 HOH A O   1 
HETATM 277 O O   . HOH C 2 .  ? -0.148  -16.479 -0.770  1.00 33.79 ? 108 HOH A O   1 
HETATM 278 O O   . HOH C 2 .  ? 8.525   3.245   -1.642  1.00 30.15 ? 109 HOH A O   1 
HETATM 279 O O   . HOH C 2 .  ? 3.095   -9.712  -7.004  1.00 26.47 ? 110 HOH A O   1 
HETATM 280 O O   . HOH C 2 .  ? -4.629  -14.581 -6.271  1.00 37.42 ? 111 HOH A O   1 
HETATM 281 O O   . HOH C 2 .  ? 4.286   -7.256  -7.792  1.00 31.51 ? 112 HOH A O   1 
HETATM 282 O O   . HOH C 2 .  ? -2.082  -16.527 1.457   1.00 42.43 ? 113 HOH A O   1 
HETATM 283 O O   . HOH C 2 .  ? 10.556  2.068   -2.769  1.00 28.33 ? 114 HOH A O   1 
HETATM 284 O O   . HOH C 2 .  ? -2.851  -2.459  -8.872  0.50 22.03 ? 115 HOH A O   1 
HETATM 285 O O   . HOH D 2 .  ? -7.436  10.648  1.644   1.00 26.41 ? 101 HOH B O   1 
HETATM 286 O O   . HOH D 2 .  ? -2.338  8.517   6.130   1.00 23.82 ? 102 HOH B O   1 
HETATM 287 O O   . HOH D 2 .  ? -1.600  2.097   8.059   1.00 26.02 ? 103 HOH B O   1 
HETATM 288 O O   . HOH D 2 .  ? -11.619 6.686   5.567   1.00 20.55 ? 104 HOH B O   1 
HETATM 289 O O   . HOH D 2 .  ? -10.999 11.099  6.757   1.00 35.50 ? 105 HOH B O   1 
HETATM 290 O O   . HOH D 2 .  ? -0.184  9.708   -0.448  1.00 36.61 ? 106 HOH B O   1 
HETATM 291 O O   . HOH D 2 .  ? 4.433   -0.198  1.354   1.00 17.85 ? 107 HOH B O   1 
HETATM 292 O O   . HOH D 2 .  ? 0.607   -5.449  7.223   1.00 18.50 ? 108 HOH B O   1 
HETATM 293 O O   . HOH D 2 .  ? 9.453   -0.512  6.398   1.00 23.51 ? 109 HOH B O   1 
HETATM 294 O O   . HOH D 2 .  ? 8.860   -1.350  2.578   1.00 24.50 ? 110 HOH B O   1 
HETATM 295 O O   . HOH D 2 .  ? 3.615   -6.161  2.216   1.00 28.75 ? 111 HOH B O   1 
HETATM 296 O O   . HOH D 2 .  ? -5.802  14.134  -1.379  1.00 29.51 ? 112 HOH B O   1 
HETATM 297 O O   . HOH D 2 .  ? 5.897   6.500   2.488   1.00 39.15 ? 113 HOH B O   1 
HETATM 298 O O   . HOH D 2 .  ? 7.337   0.760   -1.105  1.00 27.04 ? 114 HOH B O   1 
HETATM 299 O O   . HOH D 2 .  ? 9.845   0.756   3.952   1.00 26.89 ? 115 HOH B O   1 
HETATM 300 O O   . HOH D 2 .  ? 7.155   0.343   1.365   1.00 26.93 ? 116 HOH B O   1 
# 
